data_7OWU
#
_entry.id   7OWU
#
_cell.length_a   92.296
_cell.length_b   58.076
_cell.length_c   156.053
_cell.angle_alpha   90.000
_cell.angle_beta   90.160
_cell.angle_gamma   90.000
#
_symmetry.space_group_name_H-M   'C 1 2 1'
#
loop_
_entity.id
_entity.type
_entity.pdbx_description
1 polymer 'Glycylpeptide N-tetradecanoyltransferase 1'
2 polymer ALA-ASN-CYS-PHE-SER-LYS-PRO-ARG
3 non-polymer 'COENZYME A'
4 non-polymer GLYCEROL
5 non-polymer 'MYRISTIC ACID'
6 water water
#
loop_
_entity_poly.entity_id
_entity_poly.type
_entity_poly.pdbx_seq_one_letter_code
_entity_poly.pdbx_strand_id
1 'polypeptide(L)'
;GGSEFSVGQGPAKTMEEASKRSYQFWDTQPVPKLGEVVNTHGPVEPDKDNIRQEPYTLPQGFTWDALDLGDRGVLKELYT
LLNENYVEDDDNMFRFDYSPEFLLWALRPPGWLPQWHCGVRVVSSRKLVGFISAIPANIHIYDTEKKMVEINFLCVHKKL
RSKRVAPVLIREITRRVHLEGIFQAVYTAGVVLPKPVGTCRYWHRSLNPRKLIEVKFSHLSRNMTMQRTMKLYRLPETPK
TAGLRPMETKDIPVVHQLLTRYLKQFHLTPVMSQEEVEHWFYPQENIIDTFVVENANGEVTDFLSFYTLPSTIMNHPTHK
SLKAAYSFYNVHTQTPLLDLMSDALVLAKMKGFDVFNALDLMENKTFLEKLKFGIGDGNLQYYLYNWKCPSMGAEKVGLV
LQ
;
A,B
2 'polypeptide(L)' ANCFSKPR C,D
#
loop_
_chem_comp.id
_chem_comp.type
_chem_comp.name
_chem_comp.formula
COA non-polymer 'COENZYME A' 'C21 H36 N7 O16 P3 S'
GOL non-polymer GLYCEROL 'C3 H8 O3'
MYR non-polymer 'MYRISTIC ACID' 'C14 H28 O2'
#
# COMPACT_ATOMS: atom_id res chain seq x y z
N ALA A 12 25.44 24.39 -5.55
CA ALA A 12 24.74 25.26 -4.62
C ALA A 12 24.46 24.54 -3.30
N LYS A 13 25.22 24.87 -2.25
CA LYS A 13 25.06 24.27 -0.94
C LYS A 13 24.54 25.23 0.11
N THR A 14 24.47 26.52 -0.19
CA THR A 14 23.96 27.53 0.73
C THR A 14 22.83 28.29 0.06
N MET A 15 22.02 28.99 0.86
CA MET A 15 20.71 29.42 0.37
C MET A 15 20.83 30.56 -0.64
N GLU A 16 21.60 31.60 -0.33
CA GLU A 16 21.53 32.73 -1.23
C GLU A 16 22.58 32.66 -2.34
N GLU A 17 23.46 31.65 -2.33
CA GLU A 17 24.15 31.29 -3.57
C GLU A 17 23.27 30.40 -4.44
N ALA A 18 22.25 29.76 -3.85
CA ALA A 18 21.20 29.14 -4.64
C ALA A 18 20.31 30.19 -5.29
N SER A 19 20.27 31.39 -4.73
CA SER A 19 19.49 32.48 -5.31
C SER A 19 20.08 32.93 -6.64
N LYS A 20 21.39 32.82 -6.82
CA LYS A 20 21.99 33.17 -8.10
C LYS A 20 21.45 32.26 -9.20
N ARG A 21 21.25 30.99 -8.88
CA ARG A 21 21.09 29.95 -9.88
C ARG A 21 19.71 29.97 -10.53
N SER A 22 19.67 29.57 -11.79
CA SER A 22 18.46 29.08 -12.44
C SER A 22 18.44 27.56 -12.34
N TYR A 23 17.24 27.01 -12.22
CA TYR A 23 17.07 25.56 -12.11
C TYR A 23 16.29 25.09 -13.32
N GLN A 24 17.00 24.63 -14.36
CA GLN A 24 16.31 24.29 -15.60
C GLN A 24 15.42 23.07 -15.42
N PHE A 25 15.85 22.09 -14.63
CA PHE A 25 15.02 20.91 -14.42
C PHE A 25 13.91 21.19 -13.39
N TRP A 26 14.27 21.76 -12.24
CA TRP A 26 13.30 21.89 -11.16
C TRP A 26 12.25 22.95 -11.43
N ASP A 27 12.50 23.89 -12.35
CA ASP A 27 11.46 24.86 -12.71
C ASP A 27 10.30 24.22 -13.46
N THR A 28 10.50 23.04 -14.04
CA THR A 28 9.46 22.34 -14.79
C THR A 28 8.66 21.37 -13.92
N GLN A 29 9.02 21.24 -12.63
CA GLN A 29 8.49 20.24 -11.70
C GLN A 29 7.52 20.88 -10.71
N PRO A 30 6.54 20.11 -10.19
CA PRO A 30 5.58 20.66 -9.20
C PRO A 30 6.18 20.82 -7.82
N VAL A 31 7.03 21.84 -7.68
CA VAL A 31 7.62 22.23 -6.40
C VAL A 31 7.54 23.75 -6.30
N PRO A 32 7.47 24.34 -5.11
CA PRO A 32 7.40 25.80 -5.02
C PRO A 32 8.71 26.40 -5.48
N LYS A 33 8.63 27.63 -5.99
CA LYS A 33 9.83 28.30 -6.43
C LYS A 33 10.68 28.71 -5.22
N LEU A 34 11.99 28.75 -5.43
CA LEU A 34 12.93 28.97 -4.34
C LEU A 34 12.57 30.20 -3.52
N GLY A 35 12.20 31.29 -4.18
CA GLY A 35 11.96 32.53 -3.47
C GLY A 35 10.57 32.73 -2.90
N GLU A 36 9.60 31.91 -3.32
CA GLU A 36 8.21 32.26 -3.08
C GLU A 36 7.77 31.97 -1.64
N VAL A 37 6.88 32.81 -1.14
CA VAL A 37 6.29 32.66 0.18
C VAL A 37 5.10 31.74 0.06
N VAL A 38 5.05 30.70 0.90
CA VAL A 38 3.98 29.71 0.85
C VAL A 38 3.14 29.84 2.11
N ASN A 39 1.85 30.09 1.93
CA ASN A 39 0.91 30.17 3.05
C ASN A 39 -0.21 29.16 2.92
N THR A 40 -0.25 28.38 1.84
CA THR A 40 -1.29 27.38 1.62
C THR A 40 -0.75 25.97 1.94
N HIS A 41 -1.65 24.99 1.97
CA HIS A 41 -1.31 23.60 2.20
C HIS A 41 -2.02 22.72 1.18
N GLY A 42 -1.25 22.08 0.29
CA GLY A 42 -1.84 21.12 -0.62
C GLY A 42 -0.99 20.81 -1.84
N PRO A 43 -1.54 19.99 -2.74
CA PRO A 43 -0.80 19.59 -3.94
C PRO A 43 -0.61 20.75 -4.89
N VAL A 44 0.43 20.64 -5.72
CA VAL A 44 0.73 21.67 -6.70
C VAL A 44 -0.03 21.42 -8.00
N GLU A 45 -0.15 20.16 -8.40
CA GLU A 45 -0.85 19.75 -9.61
C GLU A 45 -1.83 18.64 -9.25
N PRO A 46 -2.85 18.42 -10.08
CA PRO A 46 -3.82 17.38 -9.77
C PRO A 46 -3.24 15.98 -9.87
N ASP A 47 -3.82 15.06 -9.12
CA ASP A 47 -3.54 13.64 -9.32
C ASP A 47 -3.83 13.28 -10.77
N LYS A 48 -2.89 12.58 -11.40
CA LYS A 48 -3.01 12.26 -12.82
C LYS A 48 -3.96 11.08 -13.00
N ASP A 49 -4.94 11.23 -13.90
CA ASP A 49 -5.81 10.11 -14.25
C ASP A 49 -5.40 9.45 -15.56
N ASN A 50 -4.31 9.90 -16.17
N ASN A 50 -4.21 9.79 -16.05
CA ASN A 50 -3.71 9.20 -17.30
CA ASN A 50 -3.67 9.34 -17.32
C ASN A 50 -2.21 9.39 -17.21
C ASN A 50 -2.16 9.41 -17.20
N ILE A 51 -1.47 8.28 -17.21
CA ILE A 51 -0.03 8.27 -16.95
C ILE A 51 0.71 7.65 -18.14
N ARG A 52 1.78 8.31 -18.55
CA ARG A 52 2.72 7.84 -19.55
C ARG A 52 3.05 6.36 -19.36
N GLN A 53 2.71 5.56 -20.37
CA GLN A 53 2.85 4.11 -20.27
C GLN A 53 4.26 3.62 -20.60
N GLU A 54 5.04 4.40 -21.33
CA GLU A 54 6.34 3.94 -21.78
C GLU A 54 7.45 4.63 -20.99
N PRO A 55 8.51 3.90 -20.65
CA PRO A 55 9.63 4.54 -19.95
C PRO A 55 10.22 5.67 -20.78
N TYR A 56 10.77 6.66 -20.09
CA TYR A 56 11.47 7.73 -20.78
C TYR A 56 12.66 7.18 -21.53
N THR A 57 13.04 7.87 -22.60
CA THR A 57 14.14 7.39 -23.42
C THR A 57 15.47 7.71 -22.74
N LEU A 58 16.35 6.74 -22.72
CA LEU A 58 17.73 6.85 -22.29
C LEU A 58 18.63 7.11 -23.50
N PRO A 59 19.78 7.75 -23.30
CA PRO A 59 20.71 7.95 -24.43
C PRO A 59 21.15 6.60 -25.01
N GLN A 60 21.60 6.66 -26.26
CA GLN A 60 21.88 5.44 -27.01
C GLN A 60 22.94 4.60 -26.31
N GLY A 61 22.68 3.29 -26.22
CA GLY A 61 23.61 2.36 -25.61
C GLY A 61 23.32 2.01 -24.16
N PHE A 62 22.24 2.53 -23.58
CA PHE A 62 21.88 2.26 -22.20
C PHE A 62 20.43 1.79 -22.14
N THR A 63 20.09 1.08 -21.06
CA THR A 63 18.77 0.47 -20.94
C THR A 63 18.35 0.46 -19.48
N TRP A 64 17.04 0.56 -19.25
CA TRP A 64 16.51 0.41 -17.91
C TRP A 64 16.64 -1.04 -17.45
N ASP A 65 16.78 -1.22 -16.14
CA ASP A 65 16.80 -2.58 -15.59
C ASP A 65 16.40 -2.52 -14.13
N ALA A 66 15.25 -3.10 -13.80
CA ALA A 66 14.84 -3.25 -12.41
C ALA A 66 15.73 -4.28 -11.74
N LEU A 67 16.38 -3.89 -10.64
CA LEU A 67 17.31 -4.79 -9.95
C LEU A 67 16.56 -5.68 -8.97
N ASP A 68 16.79 -6.99 -9.07
CA ASP A 68 16.29 -7.95 -8.10
C ASP A 68 17.33 -8.04 -7.00
N LEU A 69 17.13 -7.27 -5.92
CA LEU A 69 18.11 -7.24 -4.84
C LEU A 69 18.16 -8.55 -4.06
N GLY A 70 17.15 -9.41 -4.22
CA GLY A 70 17.22 -10.76 -3.68
C GLY A 70 18.22 -11.65 -4.39
N ASP A 71 18.78 -11.20 -5.50
CA ASP A 71 19.87 -11.88 -6.18
C ASP A 71 21.18 -11.29 -5.68
N ARG A 72 22.01 -12.13 -5.06
CA ARG A 72 23.18 -11.62 -4.35
C ARG A 72 24.18 -10.96 -5.30
N GLY A 73 24.24 -11.41 -6.55
CA GLY A 73 25.15 -10.80 -7.50
C GLY A 73 24.70 -9.42 -7.95
N VAL A 74 23.40 -9.25 -8.19
CA VAL A 74 22.88 -7.95 -8.56
C VAL A 74 22.98 -6.98 -7.39
N LEU A 75 22.67 -7.46 -6.18
CA LEU A 75 22.87 -6.64 -4.99
C LEU A 75 24.33 -6.24 -4.84
N LYS A 76 25.25 -7.18 -5.13
CA LYS A 76 26.67 -6.84 -5.13
C LYS A 76 27.00 -5.79 -6.18
N GLU A 77 26.35 -5.87 -7.35
CA GLU A 77 26.55 -4.84 -8.37
C GLU A 77 26.10 -3.48 -7.88
N LEU A 78 25.00 -3.44 -7.13
CA LEU A 78 24.50 -2.18 -6.58
C LEU A 78 25.44 -1.64 -5.51
N TYR A 79 25.94 -2.53 -4.64
CA TYR A 79 26.94 -2.10 -3.67
C TYR A 79 28.14 -1.47 -4.36
N THR A 80 28.62 -2.09 -5.44
CA THR A 80 29.81 -1.60 -6.12
C THR A 80 29.55 -0.25 -6.78
N LEU A 81 28.38 -0.10 -7.43
CA LEU A 81 28.03 1.19 -8.02
C LEU A 81 28.08 2.31 -6.98
N LEU A 82 27.41 2.11 -5.84
CA LEU A 82 27.38 3.14 -4.81
C LEU A 82 28.74 3.29 -4.14
N ASN A 83 29.40 2.16 -3.83
CA ASN A 83 30.70 2.22 -3.16
C ASN A 83 31.70 3.09 -3.91
N GLU A 84 31.62 3.11 -5.25
CA GLU A 84 32.59 3.82 -6.07
C GLU A 84 32.09 5.16 -6.60
N ASN A 85 30.78 5.44 -6.55
CA ASN A 85 30.23 6.63 -7.19
C ASN A 85 29.24 7.45 -6.37
N TYR A 86 28.91 7.05 -5.14
CA TYR A 86 27.84 7.73 -4.42
C TYR A 86 28.42 8.96 -3.70
N VAL A 87 27.71 9.46 -2.69
CA VAL A 87 28.01 10.78 -2.13
C VAL A 87 29.40 10.83 -1.51
N GLU A 88 30.12 11.92 -1.78
CA GLU A 88 31.40 12.25 -1.17
C GLU A 88 31.31 13.59 -0.45
N ASP A 89 32.29 13.87 0.40
CA ASP A 89 32.28 15.12 1.15
C ASP A 89 32.70 16.28 0.24
N ASP A 90 32.73 17.48 0.83
CA ASP A 90 32.99 18.68 0.05
C ASP A 90 34.43 18.78 -0.44
N ASP A 91 35.34 17.90 0.00
CA ASP A 91 36.71 17.89 -0.49
C ASP A 91 37.12 16.55 -1.09
N ASN A 92 36.17 15.66 -1.35
CA ASN A 92 36.43 14.39 -2.03
C ASN A 92 37.44 13.53 -1.28
N MET A 93 37.33 13.51 0.06
CA MET A 93 38.19 12.69 0.91
C MET A 93 37.51 11.45 1.46
N PHE A 94 36.18 11.44 1.56
CA PHE A 94 35.43 10.31 2.08
C PHE A 94 34.22 10.06 1.19
N ARG A 95 33.78 8.80 1.12
CA ARG A 95 32.61 8.43 0.35
C ARG A 95 31.80 7.38 1.12
N PHE A 96 30.46 7.50 1.06
CA PHE A 96 29.58 6.55 1.74
C PHE A 96 29.88 5.13 1.29
N ASP A 97 29.82 4.20 2.24
CA ASP A 97 30.06 2.78 1.96
C ASP A 97 28.91 1.94 2.53
N TYR A 98 27.70 2.19 2.02
CA TYR A 98 26.52 1.40 2.40
C TYR A 98 26.76 -0.08 2.13
N SER A 99 26.61 -0.91 3.15
CA SER A 99 26.83 -2.33 2.98
C SER A 99 25.67 -2.98 2.21
N PRO A 100 25.91 -4.12 1.58
CA PRO A 100 24.83 -4.78 0.83
C PRO A 100 23.63 -5.17 1.68
N GLU A 101 23.85 -5.57 2.94
CA GLU A 101 22.71 -5.92 3.77
C GLU A 101 22.02 -4.69 4.35
N PHE A 102 22.76 -3.59 4.52
CA PHE A 102 22.10 -2.32 4.82
C PHE A 102 21.18 -1.91 3.68
N LEU A 103 21.64 -2.09 2.44
CA LEU A 103 20.83 -1.70 1.28
C LEU A 103 19.53 -2.50 1.24
N LEU A 104 19.58 -3.80 1.58
CA LEU A 104 18.35 -4.58 1.69
C LEU A 104 17.42 -4.00 2.74
N TRP A 105 17.97 -3.58 3.87
CA TRP A 105 17.17 -2.98 4.94
C TRP A 105 16.49 -1.71 4.46
N ALA A 106 17.25 -0.81 3.84
CA ALA A 106 16.69 0.47 3.43
C ALA A 106 15.74 0.34 2.23
N LEU A 107 15.93 -0.69 1.40
CA LEU A 107 15.23 -0.75 0.12
C LEU A 107 14.12 -1.78 0.07
N ARG A 108 13.98 -2.63 1.08
CA ARG A 108 12.89 -3.60 1.12
C ARG A 108 12.11 -3.52 2.42
N PRO A 109 11.59 -2.34 2.78
CA PRO A 109 10.66 -2.26 3.90
C PRO A 109 9.29 -2.78 3.47
N PRO A 110 8.35 -2.95 4.39
CA PRO A 110 7.01 -3.39 3.99
C PRO A 110 6.44 -2.55 2.85
N GLY A 111 5.92 -3.22 1.83
CA GLY A 111 5.36 -2.55 0.68
C GLY A 111 6.33 -2.23 -0.43
N TRP A 112 7.59 -2.65 -0.32
CA TRP A 112 8.57 -2.36 -1.37
C TRP A 112 8.14 -3.01 -2.68
N LEU A 113 8.49 -2.36 -3.79
CA LEU A 113 8.12 -2.87 -5.10
C LEU A 113 9.37 -2.99 -5.97
N PRO A 114 9.47 -4.08 -6.75
CA PRO A 114 10.70 -4.31 -7.53
C PRO A 114 10.91 -3.27 -8.61
N GLN A 115 9.86 -2.77 -9.26
CA GLN A 115 10.02 -1.75 -10.28
C GLN A 115 10.50 -0.41 -9.70
N TRP A 116 10.44 -0.24 -8.38
CA TRP A 116 10.97 0.97 -7.75
C TRP A 116 12.44 0.86 -7.38
N HIS A 117 13.11 -0.23 -7.77
CA HIS A 117 14.56 -0.37 -7.65
C HIS A 117 15.11 -0.22 -9.07
N CYS A 118 15.30 1.02 -9.48
CA CYS A 118 15.39 1.41 -10.90
C CYS A 118 16.86 1.67 -11.27
N GLY A 119 17.48 0.67 -11.91
CA GLY A 119 18.85 0.77 -12.35
C GLY A 119 18.98 1.09 -13.83
N VAL A 120 20.17 1.54 -14.21
CA VAL A 120 20.53 1.84 -15.60
C VAL A 120 21.75 1.01 -15.95
N ARG A 121 21.69 0.28 -17.07
CA ARG A 121 22.78 -0.58 -17.50
C ARG A 121 23.27 -0.20 -18.88
N VAL A 122 24.57 -0.37 -19.10
CA VAL A 122 25.14 -0.28 -20.44
C VAL A 122 24.65 -1.47 -21.26
N VAL A 123 24.19 -1.21 -22.48
CA VAL A 123 23.60 -2.29 -23.27
C VAL A 123 24.64 -3.36 -23.58
N SER A 124 25.85 -2.95 -23.95
CA SER A 124 26.85 -3.93 -24.38
C SER A 124 27.44 -4.68 -23.19
N SER A 125 28.06 -3.96 -22.25
CA SER A 125 28.74 -4.62 -21.14
C SER A 125 27.79 -5.13 -20.06
N ARG A 126 26.56 -4.60 -19.99
N ARG A 126 26.56 -4.60 -20.01
CA ARG A 126 25.59 -4.90 -18.93
CA ARG A 126 25.59 -4.86 -18.95
C ARG A 126 26.00 -4.25 -17.61
C ARG A 126 26.05 -4.31 -17.60
N LYS A 127 27.03 -3.41 -17.61
CA LYS A 127 27.51 -2.79 -16.38
C LYS A 127 26.49 -1.80 -15.82
N LEU A 128 26.30 -1.87 -14.49
CA LEU A 128 25.41 -0.94 -13.79
C LEU A 128 26.06 0.44 -13.70
N VAL A 129 25.38 1.47 -14.19
CA VAL A 129 25.93 2.82 -14.23
C VAL A 129 24.98 3.87 -13.68
N GLY A 130 23.79 3.49 -13.24
CA GLY A 130 22.85 4.45 -12.70
C GLY A 130 21.83 3.75 -11.82
N PHE A 131 21.26 4.52 -10.89
CA PHE A 131 20.30 3.95 -9.96
C PHE A 131 19.50 5.06 -9.29
N ILE A 132 18.23 4.74 -9.00
CA ILE A 132 17.39 5.56 -8.16
C ILE A 132 16.33 4.64 -7.57
N SER A 133 15.85 4.97 -6.37
CA SER A 133 14.92 4.08 -5.67
C SER A 133 13.78 4.87 -5.05
N ALA A 134 12.65 4.18 -4.87
CA ALA A 134 11.50 4.67 -4.13
C ALA A 134 11.02 3.58 -3.19
N ILE A 135 10.66 3.96 -1.98
CA ILE A 135 10.00 3.06 -1.02
C ILE A 135 8.74 3.73 -0.51
N PRO A 136 7.67 3.00 -0.23
CA PRO A 136 6.44 3.65 0.22
C PRO A 136 6.54 4.10 1.67
N ALA A 137 5.89 5.22 1.97
CA ALA A 137 5.88 5.76 3.33
C ALA A 137 4.64 6.61 3.53
N ASN A 138 3.95 6.40 4.64
CA ASN A 138 2.87 7.28 5.06
C ASN A 138 3.46 8.44 5.84
N ILE A 139 3.25 9.65 5.33
CA ILE A 139 3.89 10.86 5.87
C ILE A 139 2.81 11.77 6.43
N HIS A 140 3.04 12.28 7.63
CA HIS A 140 2.22 13.31 8.25
C HIS A 140 2.93 14.64 8.07
N ILE A 141 2.27 15.60 7.44
CA ILE A 141 2.83 16.93 7.20
C ILE A 141 1.79 17.95 7.63
N TYR A 142 2.05 18.62 8.76
CA TYR A 142 1.12 19.55 9.40
C TYR A 142 -0.16 18.78 9.71
N ASP A 143 -1.31 19.11 9.10
CA ASP A 143 -2.57 18.47 9.47
C ASP A 143 -3.04 17.44 8.45
N THR A 144 -2.14 16.97 7.58
CA THR A 144 -2.49 16.00 6.55
C THR A 144 -1.61 14.78 6.68
N GLU A 145 -2.23 13.60 6.61
CA GLU A 145 -1.51 12.34 6.41
C GLU A 145 -1.68 11.91 4.97
N LYS A 146 -0.57 11.76 4.26
CA LYS A 146 -0.56 11.37 2.86
C LYS A 146 0.35 10.15 2.69
N LYS A 147 -0.12 9.17 1.93
CA LYS A 147 0.75 8.10 1.48
C LYS A 147 1.71 8.65 0.44
N MET A 148 3.01 8.49 0.68
CA MET A 148 4.02 9.01 -0.22
C MET A 148 5.02 7.92 -0.57
N VAL A 149 6.10 8.30 -1.27
CA VAL A 149 7.29 7.49 -1.38
C VAL A 149 8.46 8.33 -0.88
N GLU A 150 9.49 7.64 -0.38
CA GLU A 150 10.78 8.26 -0.09
C GLU A 150 11.74 7.90 -1.21
N ILE A 151 12.37 8.91 -1.79
CA ILE A 151 13.34 8.73 -2.87
C ILE A 151 14.74 8.80 -2.29
N ASN A 152 15.58 7.81 -2.63
CA ASN A 152 16.93 7.72 -2.08
C ASN A 152 17.85 7.07 -3.11
N PHE A 153 19.16 7.21 -2.87
CA PHE A 153 20.20 6.50 -3.61
C PHE A 153 20.23 6.87 -5.10
N LEU A 154 19.99 8.14 -5.40
CA LEU A 154 20.19 8.64 -6.75
C LEU A 154 21.69 8.69 -7.06
N CYS A 155 22.13 7.87 -8.02
CA CYS A 155 23.55 7.72 -8.30
C CYS A 155 23.76 7.52 -9.79
N VAL A 156 24.65 8.33 -10.37
CA VAL A 156 25.07 8.20 -11.77
C VAL A 156 26.58 7.96 -11.77
N HIS A 157 27.02 6.93 -12.49
CA HIS A 157 28.43 6.58 -12.58
C HIS A 157 29.25 7.80 -13.01
N LYS A 158 30.46 7.91 -12.43
CA LYS A 158 31.29 9.08 -12.66
C LYS A 158 31.57 9.33 -14.14
N LYS A 159 31.67 8.27 -14.94
CA LYS A 159 31.94 8.39 -16.36
C LYS A 159 30.70 8.69 -17.18
N LEU A 160 29.55 8.87 -16.53
CA LEU A 160 28.30 9.19 -17.21
C LEU A 160 27.69 10.49 -16.69
N ARG A 161 28.47 11.29 -15.96
CA ARG A 161 27.95 12.50 -15.32
C ARG A 161 27.79 13.63 -16.32
N SER A 162 27.00 14.63 -15.91
CA SER A 162 26.80 15.86 -16.70
C SER A 162 26.32 15.56 -18.11
N LYS A 163 25.42 14.57 -18.22
CA LYS A 163 24.79 14.22 -19.48
C LYS A 163 23.27 14.08 -19.30
N ARG A 164 22.71 14.66 -18.24
CA ARG A 164 21.28 14.69 -17.97
C ARG A 164 20.73 13.29 -17.71
N VAL A 165 21.55 12.39 -17.17
CA VAL A 165 21.01 11.09 -16.79
C VAL A 165 20.24 11.18 -15.47
N ALA A 166 20.62 12.09 -14.58
CA ALA A 166 19.90 12.22 -13.31
C ALA A 166 18.47 12.73 -13.53
N PRO A 167 18.23 13.75 -14.36
CA PRO A 167 16.84 14.15 -14.62
C PRO A 167 15.97 13.06 -15.23
N VAL A 168 16.50 12.22 -16.13
CA VAL A 168 15.67 11.14 -16.67
C VAL A 168 15.37 10.12 -15.59
N LEU A 169 16.34 9.87 -14.69
CA LEU A 169 16.11 8.97 -13.57
C LEU A 169 14.99 9.48 -12.67
N ILE A 170 14.97 10.78 -12.40
CA ILE A 170 13.92 11.34 -11.54
C ILE A 170 12.56 11.22 -12.22
N ARG A 171 12.48 11.55 -13.51
CA ARG A 171 11.22 11.48 -14.24
C ARG A 171 10.71 10.04 -14.35
N GLU A 172 11.61 9.06 -14.50
CA GLU A 172 11.17 7.68 -14.68
C GLU A 172 10.67 7.07 -13.37
N ILE A 173 11.36 7.34 -12.25
CA ILE A 173 10.85 6.86 -10.96
C ILE A 173 9.56 7.60 -10.60
N THR A 174 9.45 8.88 -10.96
CA THR A 174 8.19 9.60 -10.83
C THR A 174 7.08 8.86 -11.59
N ARG A 175 7.35 8.50 -12.84
CA ARG A 175 6.35 7.79 -13.64
C ARG A 175 5.97 6.46 -13.01
N ARG A 176 6.95 5.70 -12.52
CA ARG A 176 6.66 4.40 -11.94
C ARG A 176 5.92 4.52 -10.61
N VAL A 177 6.10 5.64 -9.92
CA VAL A 177 5.34 5.88 -8.69
C VAL A 177 3.93 6.33 -9.03
N HIS A 178 3.78 7.20 -10.03
CA HIS A 178 2.46 7.63 -10.49
C HIS A 178 1.59 6.44 -10.88
N LEU A 179 2.18 5.43 -11.52
CA LEU A 179 1.43 4.27 -11.95
C LEU A 179 0.81 3.51 -10.78
N GLU A 180 1.38 3.64 -9.59
CA GLU A 180 0.86 2.99 -8.39
C GLU A 180 -0.07 3.90 -7.59
N GLY A 181 -0.45 5.05 -8.14
CA GLY A 181 -1.45 5.89 -7.49
C GLY A 181 -0.90 6.83 -6.44
N ILE A 182 0.41 7.06 -6.41
CA ILE A 182 1.04 7.94 -5.44
C ILE A 182 1.55 9.16 -6.19
N PHE A 183 1.26 10.35 -5.64
CA PHE A 183 1.55 11.60 -6.35
C PHE A 183 2.31 12.60 -5.49
N GLN A 184 2.86 12.16 -4.37
CA GLN A 184 3.71 12.99 -3.52
C GLN A 184 4.91 12.16 -3.07
N ALA A 185 5.99 12.85 -2.70
CA ALA A 185 7.19 12.17 -2.26
C ALA A 185 7.98 13.08 -1.33
N VAL A 186 8.81 12.44 -0.51
CA VAL A 186 9.73 13.16 0.36
C VAL A 186 11.14 12.67 0.06
N TYR A 187 12.12 13.57 0.17
CA TYR A 187 13.50 13.26 -0.11
C TYR A 187 14.38 14.30 0.57
N THR A 188 15.67 13.98 0.67
CA THR A 188 16.67 14.87 1.24
C THR A 188 17.83 15.04 0.25
N ALA A 189 18.61 16.09 0.47
CA ALA A 189 19.82 16.29 -0.31
C ALA A 189 20.69 17.32 0.39
N GLY A 190 22.00 17.20 0.21
CA GLY A 190 22.95 18.16 0.74
C GLY A 190 23.03 19.47 -0.01
N VAL A 191 22.32 19.62 -1.12
CA VAL A 191 22.33 20.86 -1.88
C VAL A 191 20.98 21.55 -1.74
N VAL A 192 20.99 22.85 -2.04
CA VAL A 192 19.76 23.64 -2.05
C VAL A 192 19.07 23.47 -3.39
N LEU A 193 17.79 23.18 -3.36
CA LEU A 193 16.96 23.05 -4.55
C LEU A 193 15.66 23.79 -4.26
N PRO A 194 14.83 24.06 -5.27
CA PRO A 194 13.45 24.47 -4.98
C PRO A 194 12.66 23.24 -4.54
N LYS A 195 12.13 23.25 -3.32
CA LYS A 195 12.36 24.25 -2.28
C LYS A 195 12.28 23.52 -0.94
N PRO A 196 13.27 23.71 -0.07
CA PRO A 196 13.30 22.91 1.17
C PRO A 196 12.13 23.25 2.08
N VAL A 197 11.48 22.21 2.60
CA VAL A 197 10.51 22.41 3.67
C VAL A 197 11.18 22.56 5.02
N GLY A 198 12.48 22.22 5.11
CA GLY A 198 13.23 22.40 6.34
C GLY A 198 14.71 22.18 6.09
N THR A 199 15.53 22.80 6.94
CA THR A 199 16.97 22.67 6.83
C THR A 199 17.53 22.19 8.17
N CYS A 200 18.30 21.11 8.14
CA CYS A 200 18.90 20.53 9.33
C CYS A 200 20.41 20.45 9.15
N ARG A 201 21.13 20.61 10.26
CA ARG A 201 22.58 20.63 10.27
C ARG A 201 23.12 19.38 10.95
N TYR A 202 24.12 18.75 10.34
CA TYR A 202 24.78 17.61 10.96
C TYR A 202 25.74 18.07 12.06
N TRP A 203 25.82 17.27 13.12
CA TRP A 203 26.75 17.46 14.23
C TRP A 203 27.47 16.14 14.49
N HIS A 204 28.69 16.22 15.01
CA HIS A 204 29.59 15.08 15.09
C HIS A 204 30.18 14.97 16.49
N ARG A 205 30.12 13.78 17.08
CA ARG A 205 30.68 13.52 18.39
C ARG A 205 31.82 12.52 18.23
N SER A 206 33.06 12.99 18.33
CA SER A 206 34.22 12.12 18.22
C SER A 206 34.14 10.99 19.23
N LEU A 207 34.40 9.77 18.76
CA LEU A 207 34.56 8.61 19.62
C LEU A 207 35.98 8.09 19.68
N ASN A 208 36.69 8.10 18.54
CA ASN A 208 38.11 7.79 18.48
C ASN A 208 38.78 9.02 17.84
N PRO A 209 39.05 10.05 18.64
CA PRO A 209 39.54 11.32 18.07
C PRO A 209 40.88 11.19 17.37
N ARG A 210 41.71 10.21 17.71
CA ARG A 210 43.00 10.09 17.05
C ARG A 210 42.85 9.63 15.61
N LYS A 211 41.98 8.64 15.37
CA LYS A 211 41.70 8.24 13.99
C LYS A 211 41.08 9.39 13.21
N LEU A 212 40.10 10.06 13.83
CA LEU A 212 39.42 11.17 13.16
C LEU A 212 40.41 12.27 12.79
N ILE A 213 41.36 12.57 13.68
CA ILE A 213 42.34 13.62 13.40
C ILE A 213 43.36 13.15 12.37
N GLU A 214 43.78 11.88 12.47
CA GLU A 214 44.76 11.34 11.54
C GLU A 214 44.27 11.41 10.10
N VAL A 215 43.02 11.03 9.86
CA VAL A 215 42.48 10.94 8.51
C VAL A 215 41.89 12.28 8.09
N LYS A 216 42.12 13.31 8.90
CA LYS A 216 41.64 14.66 8.61
C LYS A 216 40.12 14.74 8.56
N PHE A 217 39.43 13.84 9.26
CA PHE A 217 38.00 14.03 9.48
C PHE A 217 37.77 15.17 10.47
N SER A 218 38.50 15.14 11.58
CA SER A 218 38.50 16.21 12.56
C SER A 218 39.82 16.96 12.52
N HIS A 219 39.87 18.05 13.27
CA HIS A 219 41.06 18.87 13.44
C HIS A 219 41.15 19.29 14.90
N LEU A 220 42.39 19.41 15.42
CA LEU A 220 42.59 19.85 16.79
C LEU A 220 42.00 21.25 16.97
N SER A 221 41.20 21.43 18.03
CA SER A 221 40.65 22.74 18.27
C SER A 221 41.72 23.71 18.79
N ARG A 222 41.37 24.99 18.80
CA ARG A 222 42.34 26.06 19.02
C ARG A 222 43.05 25.90 20.37
N ASN A 223 44.38 25.85 20.32
CA ASN A 223 45.22 25.65 21.50
C ASN A 223 44.80 24.38 22.25
N MET A 224 44.68 23.29 21.50
CA MET A 224 44.49 21.97 22.08
C MET A 224 45.52 21.04 21.47
N THR A 225 45.82 19.96 22.17
CA THR A 225 46.77 18.97 21.73
C THR A 225 46.08 17.62 21.64
N MET A 226 46.71 16.68 20.91
CA MET A 226 46.13 15.36 20.76
C MET A 226 45.90 14.70 22.11
N GLN A 227 46.84 14.87 23.04
CA GLN A 227 46.67 14.27 24.37
C GLN A 227 45.50 14.93 25.11
N ARG A 228 45.42 16.25 25.08
CA ARG A 228 44.27 16.94 25.68
C ARG A 228 42.96 16.46 25.06
N THR A 229 42.93 16.33 23.72
CA THR A 229 41.70 15.96 23.02
C THR A 229 41.24 14.56 23.41
N MET A 230 42.16 13.60 23.48
CA MET A 230 41.77 12.24 23.83
C MET A 230 41.13 12.19 25.22
N LYS A 231 41.68 12.94 26.18
CA LYS A 231 41.07 12.99 27.51
C LYS A 231 39.69 13.62 27.46
N LEU A 232 39.56 14.74 26.74
CA LEU A 232 38.31 15.50 26.73
C LEU A 232 37.16 14.67 26.17
N TYR A 233 37.43 13.84 25.17
CA TYR A 233 36.38 13.07 24.53
C TYR A 233 36.21 11.67 25.12
N ARG A 234 36.89 11.37 26.24
CA ARG A 234 36.74 10.03 26.81
C ARG A 234 35.32 9.86 27.36
N LEU A 235 34.85 8.62 27.31
CA LEU A 235 33.51 8.26 27.71
C LEU A 235 33.58 7.12 28.72
N PRO A 236 32.56 6.98 29.56
CA PRO A 236 32.46 5.77 30.39
C PRO A 236 32.49 4.52 29.54
N GLU A 237 32.80 3.37 30.15
CA GLU A 237 32.91 2.12 29.40
C GLU A 237 31.65 1.27 29.44
N THR A 238 30.68 1.58 30.30
CA THR A 238 29.40 0.89 30.31
C THR A 238 28.29 1.89 30.51
N PRO A 239 27.11 1.63 29.96
CA PRO A 239 26.00 2.58 30.10
C PRO A 239 25.46 2.60 31.52
N LYS A 240 24.84 3.73 31.87
CA LYS A 240 24.37 3.96 33.23
C LYS A 240 22.86 3.76 33.40
N THR A 241 22.07 3.88 32.33
CA THR A 241 20.62 3.89 32.46
C THR A 241 20.11 2.53 32.93
N ALA A 242 19.29 2.55 33.98
CA ALA A 242 18.76 1.34 34.58
C ALA A 242 17.84 0.59 33.60
N GLY A 243 18.07 -0.70 33.45
CA GLY A 243 17.20 -1.54 32.65
C GLY A 243 17.43 -1.48 31.17
N LEU A 244 18.48 -0.80 30.72
CA LEU A 244 18.79 -0.75 29.29
C LEU A 244 19.16 -2.13 28.78
N ARG A 245 18.65 -2.47 27.60
CA ARG A 245 18.92 -3.74 26.95
C ARG A 245 18.54 -3.62 25.49
N PRO A 246 19.03 -4.51 24.64
CA PRO A 246 18.64 -4.46 23.22
C PRO A 246 17.17 -4.78 23.03
N MET A 247 16.59 -4.15 22.02
CA MET A 247 15.19 -4.38 21.68
C MET A 247 14.98 -5.84 21.26
N GLU A 248 13.83 -6.39 21.65
CA GLU A 248 13.47 -7.77 21.32
C GLU A 248 12.09 -7.80 20.67
N THR A 249 11.74 -8.97 20.13
CA THR A 249 10.45 -9.12 19.43
C THR A 249 9.29 -8.70 20.31
N LYS A 250 9.35 -9.02 21.60
CA LYS A 250 8.25 -8.70 22.52
C LYS A 250 8.10 -7.20 22.71
N ASP A 251 9.11 -6.40 22.33
CA ASP A 251 9.05 -4.96 22.46
C ASP A 251 8.40 -4.26 21.28
N ILE A 252 8.08 -4.99 20.21
CA ILE A 252 7.57 -4.35 18.99
C ILE A 252 6.32 -3.51 19.27
N PRO A 253 5.30 -3.99 20.01
CA PRO A 253 4.11 -3.15 20.22
C PRO A 253 4.38 -1.88 21.02
N VAL A 254 5.13 -1.97 22.12
CA VAL A 254 5.35 -0.79 22.94
C VAL A 254 6.26 0.20 22.22
N VAL A 255 7.24 -0.29 21.47
CA VAL A 255 8.10 0.62 20.70
C VAL A 255 7.27 1.37 19.67
N HIS A 256 6.36 0.67 18.99
CA HIS A 256 5.45 1.33 18.06
C HIS A 256 4.59 2.35 18.78
N GLN A 257 4.04 1.97 19.93
CA GLN A 257 3.23 2.90 20.72
C GLN A 257 4.05 4.10 21.17
N LEU A 258 5.26 3.86 21.68
CA LEU A 258 6.11 4.96 22.14
C LEU A 258 6.45 5.91 21.01
N LEU A 259 6.85 5.37 19.85
CA LEU A 259 7.26 6.22 18.74
C LEU A 259 6.11 7.07 18.24
N THR A 260 4.95 6.44 18.02
CA THR A 260 3.79 7.13 17.46
C THR A 260 3.39 8.33 18.30
N ARG A 261 3.35 8.16 19.62
CA ARG A 261 2.88 9.25 20.46
C ARG A 261 3.93 10.35 20.58
N TYR A 262 5.22 9.98 20.61
CA TYR A 262 6.29 10.98 20.69
C TYR A 262 6.36 11.83 19.43
N LEU A 263 6.14 11.24 18.26
CA LEU A 263 6.25 11.98 17.01
C LEU A 263 5.16 13.01 16.81
N LYS A 264 4.08 12.97 17.60
CA LYS A 264 2.95 13.86 17.35
C LYS A 264 3.29 15.33 17.56
N GLN A 265 4.39 15.63 18.27
CA GLN A 265 4.72 17.02 18.54
C GLN A 265 5.41 17.72 17.37
N PHE A 266 5.84 16.99 16.34
CA PHE A 266 6.56 17.57 15.21
C PHE A 266 5.62 17.70 14.01
N HIS A 267 6.08 18.41 12.98
CA HIS A 267 5.23 18.76 11.85
C HIS A 267 5.53 17.99 10.58
N LEU A 268 6.63 17.25 10.50
CA LEU A 268 6.89 16.33 9.40
C LEU A 268 7.41 15.04 10.02
N THR A 269 6.60 13.99 9.97
CA THR A 269 6.89 12.75 10.67
C THR A 269 6.45 11.56 9.83
N PRO A 270 7.05 10.39 10.05
CA PRO A 270 6.49 9.18 9.49
C PRO A 270 5.31 8.70 10.32
N VAL A 271 4.41 7.97 9.67
CA VAL A 271 3.30 7.31 10.34
C VAL A 271 3.50 5.82 10.07
N MET A 272 4.12 5.13 11.02
CA MET A 272 4.55 3.75 10.81
C MET A 272 3.51 2.77 11.30
N SER A 273 3.24 1.75 10.49
CA SER A 273 2.54 0.58 10.98
C SER A 273 3.44 -0.19 11.95
N GLN A 274 2.83 -1.14 12.66
CA GLN A 274 3.60 -1.99 13.55
C GLN A 274 4.58 -2.87 12.78
N GLU A 275 4.20 -3.32 11.57
CA GLU A 275 5.13 -4.05 10.73
C GLU A 275 6.30 -3.18 10.31
N GLU A 276 6.03 -1.91 10.01
CA GLU A 276 7.12 -1.00 9.66
C GLU A 276 8.03 -0.73 10.86
N VAL A 277 7.46 -0.64 12.06
CA VAL A 277 8.27 -0.45 13.27
C VAL A 277 9.21 -1.63 13.46
N GLU A 278 8.69 -2.85 13.26
CA GLU A 278 9.56 -4.03 13.35
C GLU A 278 10.72 -3.94 12.37
N HIS A 279 10.43 -3.59 11.11
CA HIS A 279 11.48 -3.53 10.10
C HIS A 279 12.53 -2.48 10.44
N TRP A 280 12.09 -1.26 10.78
CA TRP A 280 13.03 -0.17 10.94
C TRP A 280 13.82 -0.23 12.24
N PHE A 281 13.35 -0.98 13.25
CA PHE A 281 13.99 -0.91 14.56
C PHE A 281 14.51 -2.23 15.11
N TYR A 282 14.01 -3.37 14.66
CA TYR A 282 14.48 -4.64 15.22
C TYR A 282 15.97 -4.79 14.92
N PRO A 283 16.83 -4.98 15.94
CA PRO A 283 18.27 -4.86 15.73
C PRO A 283 18.81 -5.83 14.69
N GLN A 284 19.65 -5.32 13.80
CA GLN A 284 20.40 -6.12 12.85
C GLN A 284 21.85 -5.69 12.95
N GLU A 285 22.74 -6.65 13.21
CA GLU A 285 24.14 -6.34 13.47
C GLU A 285 24.76 -5.60 12.30
N ASN A 286 25.47 -4.52 12.60
CA ASN A 286 26.14 -3.65 11.61
C ASN A 286 25.15 -2.94 10.69
N ILE A 287 23.89 -2.80 11.11
CA ILE A 287 22.92 -2.07 10.31
C ILE A 287 22.13 -1.11 11.20
N ILE A 288 21.41 -1.65 12.17
CA ILE A 288 20.54 -0.87 13.03
C ILE A 288 20.61 -1.42 14.44
N ASP A 289 20.84 -0.55 15.41
CA ASP A 289 20.85 -0.91 16.82
C ASP A 289 19.72 -0.15 17.52
N THR A 290 18.92 -0.88 18.29
CA THR A 290 17.86 -0.28 19.09
C THR A 290 17.96 -0.83 20.51
N PHE A 291 17.99 0.07 21.48
CA PHE A 291 18.07 -0.29 22.90
C PHE A 291 16.85 0.32 23.59
N VAL A 292 16.17 -0.50 24.41
CA VAL A 292 14.99 -0.06 25.15
C VAL A 292 15.33 -0.02 26.63
N VAL A 293 14.65 0.87 27.35
CA VAL A 293 14.75 0.96 28.81
C VAL A 293 13.55 0.23 29.39
N GLU A 294 13.80 -0.88 30.10
CA GLU A 294 12.76 -1.62 30.81
C GLU A 294 12.95 -1.40 32.30
N ASN A 295 11.96 -0.79 32.96
CA ASN A 295 12.12 -0.34 34.33
C ASN A 295 11.86 -1.50 35.30
N ALA A 296 11.83 -1.18 36.60
CA ALA A 296 11.63 -2.20 37.63
C ALA A 296 10.21 -2.78 37.62
N ASN A 297 9.28 -2.16 36.91
CA ASN A 297 7.93 -2.70 36.74
C ASN A 297 7.81 -3.66 35.58
N GLY A 298 8.86 -3.82 34.78
CA GLY A 298 8.75 -4.55 33.52
C GLY A 298 8.19 -3.73 32.38
N GLU A 299 8.05 -2.42 32.55
CA GLU A 299 7.54 -1.54 31.50
C GLU A 299 8.67 -0.91 30.71
N VAL A 300 8.51 -0.87 29.38
CA VAL A 300 9.44 -0.20 28.50
C VAL A 300 9.01 1.26 28.38
N THR A 301 9.89 2.18 28.76
CA THR A 301 9.53 3.58 28.83
C THR A 301 10.30 4.49 27.88
N ASP A 302 11.43 4.05 27.34
CA ASP A 302 12.23 4.86 26.43
C ASP A 302 12.94 3.91 25.47
N PHE A 303 13.42 4.45 24.34
CA PHE A 303 14.35 3.71 23.50
C PHE A 303 15.23 4.67 22.71
N LEU A 304 16.43 4.18 22.38
CA LEU A 304 17.36 4.89 21.51
C LEU A 304 17.67 4.00 20.31
N SER A 305 18.05 4.62 19.19
CA SER A 305 18.45 3.82 18.04
C SER A 305 19.42 4.60 17.16
N PHE A 306 20.31 3.86 16.49
CA PHE A 306 21.24 4.45 15.55
C PHE A 306 21.58 3.42 14.49
N TYR A 307 21.79 3.88 13.26
CA TYR A 307 22.13 2.96 12.18
C TYR A 307 23.60 3.07 11.80
N THR A 308 24.09 2.04 11.12
CA THR A 308 25.51 1.91 10.79
C THR A 308 25.74 2.31 9.34
N LEU A 309 26.55 3.35 9.13
CA LEU A 309 26.88 3.80 7.77
C LEU A 309 28.35 4.18 7.73
N PRO A 310 29.21 3.25 7.37
CA PRO A 310 30.64 3.58 7.20
C PRO A 310 30.89 4.31 5.90
N SER A 311 32.08 4.90 5.84
CA SER A 311 32.52 5.61 4.65
C SER A 311 33.92 5.16 4.28
N THR A 312 34.21 5.18 2.99
CA THR A 312 35.55 4.91 2.50
C THR A 312 36.43 6.14 2.70
N ILE A 313 37.67 5.92 3.11
CA ILE A 313 38.66 6.98 3.19
C ILE A 313 39.54 6.88 1.95
N MET A 314 39.58 7.95 1.16
CA MET A 314 40.29 7.93 -0.11
C MET A 314 41.75 8.35 0.07
N ASN A 315 42.62 7.71 -0.71
CA ASN A 315 44.00 8.16 -0.91
C ASN A 315 44.84 8.07 0.37
N HIS A 316 44.48 7.18 1.29
CA HIS A 316 45.27 7.04 2.51
C HIS A 316 45.91 5.66 2.57
N PRO A 317 47.19 5.60 2.94
CA PRO A 317 47.92 4.32 2.87
C PRO A 317 47.54 3.31 3.93
N THR A 318 47.11 3.74 5.11
CA THR A 318 46.83 2.81 6.21
C THR A 318 45.37 2.80 6.65
N HIS A 319 44.71 3.96 6.67
CA HIS A 319 43.31 4.04 7.06
C HIS A 319 42.44 4.00 5.81
N LYS A 320 41.59 2.98 5.71
CA LYS A 320 40.75 2.75 4.55
C LYS A 320 39.27 3.06 4.78
N SER A 321 38.82 2.99 6.03
CA SER A 321 37.39 3.06 6.33
C SER A 321 37.18 3.80 7.63
N LEU A 322 36.07 4.53 7.70
CA LEU A 322 35.63 5.23 8.90
C LEU A 322 34.26 4.68 9.28
N LYS A 323 34.11 4.20 10.51
CA LYS A 323 32.86 3.59 10.96
C LYS A 323 32.04 4.63 11.74
N ALA A 324 30.92 5.04 11.16
CA ALA A 324 30.10 6.11 11.71
C ALA A 324 28.73 5.58 12.13
N ALA A 325 28.21 6.10 13.23
CA ALA A 325 26.85 5.81 13.68
C ALA A 325 26.00 7.05 13.45
N TYR A 326 24.76 6.84 13.01
CA TYR A 326 23.84 7.93 12.76
C TYR A 326 22.66 7.80 13.71
N SER A 327 22.40 8.86 14.45
CA SER A 327 21.23 8.91 15.33
C SER A 327 19.96 8.70 14.51
N PHE A 328 19.09 7.81 15.01
CA PHE A 328 17.87 7.47 14.29
C PHE A 328 16.66 8.13 14.96
N TYR A 329 15.86 7.35 15.70
CA TYR A 329 14.77 7.91 16.48
C TYR A 329 15.01 7.60 17.95
N ASN A 330 14.89 8.62 18.80
CA ASN A 330 15.14 8.49 20.23
C ASN A 330 13.93 9.00 21.00
N VAL A 331 13.27 8.09 21.72
CA VAL A 331 12.04 8.41 22.44
C VAL A 331 12.30 8.31 23.93
N HIS A 332 11.97 9.39 24.65
CA HIS A 332 12.09 9.46 26.09
C HIS A 332 10.72 9.79 26.70
N THR A 333 10.30 9.00 27.69
CA THR A 333 9.15 9.36 28.52
C THR A 333 9.43 9.31 30.02
N GLN A 334 10.48 8.62 30.46
CA GLN A 334 10.88 8.64 31.86
C GLN A 334 12.38 8.81 32.08
N THR A 335 13.23 8.39 31.15
CA THR A 335 14.66 8.68 31.17
C THR A 335 14.90 10.03 30.50
N PRO A 336 15.69 10.93 31.10
CA PRO A 336 16.00 12.18 30.43
C PRO A 336 16.75 11.93 29.13
N LEU A 337 16.43 12.71 28.10
CA LEU A 337 17.02 12.51 26.79
C LEU A 337 18.54 12.69 26.82
N LEU A 338 19.04 13.59 27.68
CA LEU A 338 20.48 13.74 27.82
C LEU A 338 21.12 12.44 28.28
N ASP A 339 20.52 11.80 29.29
CA ASP A 339 21.05 10.53 29.77
C ASP A 339 20.96 9.44 28.70
N LEU A 340 19.83 9.37 28.00
CA LEU A 340 19.65 8.37 26.95
C LEU A 340 20.73 8.51 25.88
N MET A 341 20.96 9.73 25.39
CA MET A 341 21.94 9.91 24.33
C MET A 341 23.36 9.68 24.84
N SER A 342 23.64 10.04 26.10
CA SER A 342 24.93 9.72 26.68
C SER A 342 25.22 8.23 26.59
N ASP A 343 24.23 7.40 26.90
CA ASP A 343 24.42 5.96 26.76
C ASP A 343 24.49 5.54 25.30
N ALA A 344 23.82 6.26 24.39
CA ALA A 344 23.99 6.00 22.97
C ALA A 344 25.45 6.15 22.55
N LEU A 345 26.13 7.18 23.07
CA LEU A 345 27.55 7.36 22.76
C LEU A 345 28.39 6.20 23.30
N VAL A 346 28.08 5.75 24.52
CA VAL A 346 28.84 4.67 25.13
C VAL A 346 28.65 3.37 24.35
N LEU A 347 27.41 3.07 23.96
CA LEU A 347 27.16 1.84 23.20
C LEU A 347 27.84 1.91 21.84
N ALA A 348 27.85 3.08 21.21
CA ALA A 348 28.55 3.23 19.94
C ALA A 348 30.04 3.01 20.10
N LYS A 349 30.64 3.63 21.12
CA LYS A 349 32.05 3.40 21.42
C LYS A 349 32.35 1.91 21.59
N MET A 350 31.57 1.24 22.44
CA MET A 350 31.74 -0.19 22.66
C MET A 350 31.67 -0.97 21.36
N LYS A 351 30.76 -0.58 20.47
CA LYS A 351 30.58 -1.31 19.23
C LYS A 351 31.63 -0.98 18.19
N GLY A 352 32.57 -0.08 18.50
CA GLY A 352 33.69 0.17 17.63
C GLY A 352 33.52 1.29 16.64
N PHE A 353 32.54 2.17 16.82
CA PHE A 353 32.38 3.31 15.93
C PHE A 353 33.46 4.34 16.20
N ASP A 354 33.87 5.05 15.14
CA ASP A 354 34.83 6.13 15.30
C ASP A 354 34.14 7.46 15.56
N VAL A 355 32.91 7.66 15.07
CA VAL A 355 32.21 8.91 15.25
C VAL A 355 30.72 8.64 15.33
N PHE A 356 30.00 9.49 16.05
CA PHE A 356 28.55 9.42 16.21
C PHE A 356 27.98 10.72 15.68
N ASN A 357 27.12 10.64 14.68
CA ASN A 357 26.55 11.80 14.01
C ASN A 357 25.08 11.95 14.35
N ALA A 358 24.61 13.20 14.37
CA ALA A 358 23.21 13.49 14.62
C ALA A 358 22.87 14.84 14.01
N LEU A 359 21.61 14.97 13.58
CA LEU A 359 21.09 16.22 13.04
C LEU A 359 20.47 17.06 14.15
N ASP A 360 20.31 18.36 13.88
CA ASP A 360 19.74 19.27 14.85
C ASP A 360 18.20 19.29 14.83
N LEU A 361 17.57 18.21 14.38
CA LEU A 361 16.12 18.15 14.31
C LEU A 361 15.52 17.58 15.59
N MET A 362 14.19 17.48 15.62
CA MET A 362 13.42 17.04 16.79
C MET A 362 13.93 17.84 18.00
N GLU A 363 14.24 17.20 19.13
CA GLU A 363 14.76 17.91 20.29
C GLU A 363 16.27 17.81 20.43
N ASN A 364 16.98 17.49 19.34
CA ASN A 364 18.41 17.19 19.47
C ASN A 364 19.22 18.38 19.94
N LYS A 365 18.78 19.60 19.62
CA LYS A 365 19.52 20.77 20.02
C LYS A 365 19.62 20.91 21.54
N THR A 366 18.80 20.18 22.29
CA THR A 366 18.88 20.22 23.75
C THR A 366 20.00 19.35 24.32
N PHE A 367 20.66 18.52 23.50
CA PHE A 367 21.80 17.74 24.01
C PHE A 367 23.06 17.84 23.16
N LEU A 368 23.02 18.45 21.98
CA LEU A 368 24.17 18.42 21.08
C LEU A 368 25.38 19.08 21.71
N GLU A 369 25.28 20.36 22.09
CA GLU A 369 26.43 21.05 22.68
C GLU A 369 26.85 20.39 23.99
N LYS A 370 25.89 20.00 24.83
CA LYS A 370 26.20 19.53 26.17
C LYS A 370 26.90 18.18 26.15
N LEU A 371 26.66 17.35 25.14
CA LEU A 371 27.34 16.07 25.03
C LEU A 371 28.62 16.15 24.18
N LYS A 372 29.09 17.37 23.90
CA LYS A 372 30.34 17.62 23.18
C LYS A 372 30.26 17.25 21.69
N PHE A 373 29.10 17.44 21.07
CA PHE A 373 29.03 17.38 19.62
C PHE A 373 29.63 18.64 19.03
N GLY A 374 30.37 18.48 17.93
CA GLY A 374 30.88 19.60 17.16
C GLY A 374 30.07 19.78 15.88
N ILE A 375 29.71 21.04 15.61
CA ILE A 375 28.86 21.35 14.47
C ILE A 375 29.59 21.01 13.18
N GLY A 376 28.84 20.51 12.19
CA GLY A 376 29.42 20.10 10.94
C GLY A 376 29.31 21.17 9.87
N ASP A 377 29.92 20.88 8.73
CA ASP A 377 29.85 21.76 7.57
C ASP A 377 28.73 21.41 6.61
N GLY A 378 27.97 20.35 6.90
CA GLY A 378 26.97 19.85 5.98
C GLY A 378 25.56 20.11 6.49
N ASN A 379 24.74 20.68 5.61
CA ASN A 379 23.31 20.79 5.83
C ASN A 379 22.60 19.68 5.07
N LEU A 380 21.60 19.09 5.70
CA LEU A 380 20.69 18.16 5.03
C LEU A 380 19.36 18.89 4.84
N GLN A 381 19.04 19.18 3.59
CA GLN A 381 17.77 19.82 3.26
C GLN A 381 16.70 18.76 3.06
N TYR A 382 15.48 19.06 3.52
CA TYR A 382 14.32 18.19 3.38
C TYR A 382 13.38 18.76 2.33
N TYR A 383 12.82 17.89 1.49
CA TYR A 383 12.01 18.34 0.37
C TYR A 383 10.74 17.51 0.25
N LEU A 384 9.68 18.17 -0.21
CA LEU A 384 8.42 17.51 -0.57
C LEU A 384 8.15 17.75 -2.06
N TYR A 385 7.70 16.70 -2.74
CA TYR A 385 7.37 16.78 -4.15
C TYR A 385 5.85 16.89 -4.30
N ASN A 386 5.39 17.89 -5.06
CA ASN A 386 3.97 18.11 -5.29
C ASN A 386 3.20 18.30 -3.98
N TRP A 387 3.80 19.03 -3.05
CA TRP A 387 3.08 19.43 -1.84
C TRP A 387 3.60 20.80 -1.41
N LYS A 388 2.74 21.80 -1.50
CA LYS A 388 3.07 23.17 -1.19
C LYS A 388 2.63 23.49 0.23
N CYS A 389 3.58 23.79 1.11
CA CYS A 389 3.28 24.11 2.50
C CYS A 389 4.34 25.07 3.01
N PRO A 390 4.09 25.73 4.14
CA PRO A 390 5.13 26.57 4.73
C PRO A 390 6.27 25.74 5.29
N SER A 391 7.46 26.30 5.23
CA SER A 391 8.62 25.61 5.77
C SER A 391 8.60 25.67 7.29
N MET A 392 9.48 24.90 7.91
CA MET A 392 9.51 24.76 9.36
C MET A 392 10.95 24.77 9.84
N GLY A 393 11.13 25.18 11.09
CA GLY A 393 12.43 25.07 11.73
C GLY A 393 12.80 23.62 11.98
N ALA A 394 14.11 23.39 12.09
CA ALA A 394 14.61 22.01 12.22
C ALA A 394 14.00 21.30 13.42
N GLU A 395 13.69 22.04 14.50
CA GLU A 395 13.13 21.40 15.68
C GLU A 395 11.76 20.78 15.44
N LYS A 396 11.11 21.11 14.32
CA LYS A 396 9.83 20.53 13.97
C LYS A 396 9.94 19.40 12.95
N VAL A 397 11.11 19.19 12.36
CA VAL A 397 11.32 18.03 11.51
C VAL A 397 11.45 16.79 12.38
N GLY A 398 10.64 15.77 12.11
CA GLY A 398 10.66 14.55 12.89
C GLY A 398 10.80 13.33 12.02
N LEU A 399 11.70 13.41 11.04
CA LEU A 399 11.85 12.37 10.03
C LEU A 399 13.32 12.16 9.74
N VAL A 400 13.78 10.93 9.85
CA VAL A 400 15.17 10.57 9.57
C VAL A 400 15.17 9.49 8.51
N LEU A 401 15.87 9.74 7.41
CA LEU A 401 16.05 8.77 6.34
C LEU A 401 17.44 8.15 6.43
N GLN A 402 17.77 7.28 5.49
CA GLN A 402 19.08 6.64 5.48
C GLN A 402 20.03 7.32 4.51
N GLY B 8 -33.77 -19.06 16.87
CA GLY B 8 -32.64 -19.55 16.10
C GLY B 8 -32.69 -19.16 14.63
N GLN B 9 -33.90 -19.29 14.06
CA GLN B 9 -34.39 -18.92 12.73
C GLN B 9 -33.43 -18.49 11.61
N GLY B 10 -32.14 -18.75 11.74
CA GLY B 10 -31.21 -18.44 10.67
C GLY B 10 -30.86 -16.96 10.59
N PRO B 11 -30.04 -16.60 9.61
CA PRO B 11 -29.70 -15.19 9.41
C PRO B 11 -30.91 -14.35 9.01
N ALA B 12 -30.85 -13.06 9.34
CA ALA B 12 -31.83 -12.12 8.83
C ALA B 12 -31.47 -11.75 7.40
N LYS B 13 -32.44 -11.90 6.50
CA LYS B 13 -32.33 -11.36 5.16
C LYS B 13 -33.08 -10.05 5.02
N THR B 14 -33.85 -9.69 6.04
CA THR B 14 -34.68 -8.49 6.06
C THR B 14 -34.19 -7.57 7.17
N MET B 15 -34.32 -6.27 6.94
CA MET B 15 -34.09 -5.33 8.03
C MET B 15 -35.08 -5.56 9.17
N GLU B 16 -36.30 -5.98 8.84
CA GLU B 16 -37.29 -6.29 9.87
C GLU B 16 -36.93 -7.56 10.63
N GLU B 17 -36.47 -8.60 9.91
CA GLU B 17 -35.99 -9.80 10.59
C GLU B 17 -34.79 -9.48 11.48
N ALA B 18 -33.93 -8.56 11.02
CA ALA B 18 -32.74 -8.20 11.79
C ALA B 18 -33.10 -7.47 13.08
N SER B 19 -34.19 -6.70 13.06
CA SER B 19 -34.63 -6.00 14.27
C SER B 19 -35.00 -6.97 15.39
N LYS B 20 -35.28 -8.23 15.08
CA LYS B 20 -35.55 -9.23 16.11
C LYS B 20 -34.31 -9.90 16.64
N ARG B 21 -33.21 -9.89 15.88
CA ARG B 21 -32.02 -10.65 16.25
C ARG B 21 -31.15 -9.85 17.21
N SER B 22 -30.52 -10.57 18.13
CA SER B 22 -29.40 -10.04 18.89
C SER B 22 -28.12 -10.49 18.20
N TYR B 23 -27.15 -9.58 18.12
CA TYR B 23 -25.88 -9.84 17.44
C TYR B 23 -24.78 -9.80 18.51
N GLN B 24 -24.47 -10.96 19.08
CA GLN B 24 -23.49 -11.01 20.15
C GLN B 24 -22.10 -10.60 19.66
N PHE B 25 -21.70 -11.11 18.49
CA PHE B 25 -20.37 -10.79 17.96
C PHE B 25 -20.29 -9.35 17.50
N TRP B 26 -21.26 -8.90 16.71
CA TRP B 26 -21.17 -7.57 16.11
C TRP B 26 -21.42 -6.46 17.11
N ASP B 27 -22.05 -6.76 18.25
CA ASP B 27 -22.15 -5.76 19.33
C ASP B 27 -20.79 -5.42 19.90
N THR B 28 -19.83 -6.34 19.80
CA THR B 28 -18.47 -6.15 20.31
C THR B 28 -17.55 -5.49 19.30
N GLN B 29 -18.02 -5.23 18.08
CA GLN B 29 -17.24 -4.71 16.96
C GLN B 29 -17.53 -3.23 16.73
N PRO B 30 -16.54 -2.48 16.17
CA PRO B 30 -16.73 -1.05 15.91
C PRO B 30 -17.55 -0.78 14.65
N VAL B 31 -18.82 -1.16 14.69
CA VAL B 31 -19.78 -0.85 13.63
C VAL B 31 -21.00 -0.22 14.30
N PRO B 32 -21.77 0.62 13.61
CA PRO B 32 -22.96 1.20 14.24
C PRO B 32 -23.98 0.14 14.55
N LYS B 33 -24.77 0.40 15.60
CA LYS B 33 -25.86 -0.50 15.94
C LYS B 33 -26.93 -0.46 14.85
N LEU B 34 -27.61 -1.60 14.66
CA LEU B 34 -28.58 -1.71 13.58
C LEU B 34 -29.64 -0.62 13.67
N GLY B 35 -30.03 -0.23 14.89
CA GLY B 35 -31.08 0.74 15.03
C GLY B 35 -30.63 2.19 14.89
N GLU B 36 -29.39 2.49 15.24
CA GLU B 36 -28.98 3.87 15.44
C GLU B 36 -29.02 4.65 14.13
N VAL B 37 -29.30 5.95 14.24
CA VAL B 37 -29.39 6.86 13.11
C VAL B 37 -28.11 7.67 13.06
N VAL B 38 -27.38 7.58 11.95
CA VAL B 38 -26.06 8.17 11.82
C VAL B 38 -26.18 9.52 11.11
N ASN B 39 -25.73 10.58 11.78
CA ASN B 39 -25.63 11.90 11.18
C ASN B 39 -24.20 12.42 11.17
N THR B 40 -23.23 11.61 11.56
CA THR B 40 -21.82 12.00 11.57
C THR B 40 -21.04 11.20 10.52
N HIS B 41 -19.81 11.65 10.28
CA HIS B 41 -18.86 10.96 9.40
C HIS B 41 -17.54 10.81 10.14
N GLY B 42 -17.02 9.58 10.20
CA GLY B 42 -15.73 9.36 10.81
C GLY B 42 -15.58 7.95 11.36
N PRO B 43 -14.42 7.66 11.92
CA PRO B 43 -14.19 6.32 12.46
C PRO B 43 -15.01 6.07 13.72
N VAL B 44 -15.32 4.80 13.95
CA VAL B 44 -16.04 4.43 15.17
C VAL B 44 -15.09 4.45 16.37
N GLU B 45 -13.85 4.05 16.17
CA GLU B 45 -12.83 4.08 17.21
C GLU B 45 -11.52 4.57 16.63
N PRO B 46 -10.64 5.15 17.45
CA PRO B 46 -9.35 5.63 16.93
C PRO B 46 -8.46 4.48 16.45
N ASP B 47 -7.49 4.84 15.60
CA ASP B 47 -6.45 3.89 15.22
C ASP B 47 -5.76 3.35 16.47
N LYS B 48 -5.32 2.11 16.40
CA LYS B 48 -4.65 1.45 17.51
C LYS B 48 -3.15 1.57 17.34
N ASP B 49 -2.45 1.97 18.41
CA ASP B 49 -1.01 2.16 18.35
C ASP B 49 -0.25 1.03 19.04
N ASN B 50 -0.95 -0.01 19.49
CA ASN B 50 -0.32 -1.30 19.78
C ASN B 50 -1.30 -2.39 19.36
N ILE B 51 -0.80 -3.36 18.59
CA ILE B 51 -1.61 -4.42 18.02
C ILE B 51 -1.18 -5.74 18.62
N ARG B 52 -2.15 -6.58 18.94
CA ARG B 52 -1.91 -7.96 19.38
C ARG B 52 -0.94 -8.68 18.45
N GLN B 53 0.17 -9.15 19.01
CA GLN B 53 1.23 -9.75 18.21
C GLN B 53 0.97 -11.19 17.83
N GLU B 54 0.21 -11.90 18.65
CA GLU B 54 0.08 -13.32 18.41
C GLU B 54 -1.29 -13.62 17.81
N PRO B 55 -1.39 -14.67 16.99
CA PRO B 55 -2.68 -15.02 16.40
C PRO B 55 -3.72 -15.35 17.47
N TYR B 56 -4.98 -15.13 17.14
CA TYR B 56 -6.06 -15.54 18.03
C TYR B 56 -6.05 -17.04 18.21
N THR B 57 -6.55 -17.49 19.36
CA THR B 57 -6.61 -18.90 19.66
C THR B 57 -7.75 -19.53 18.89
N LEU B 58 -7.48 -20.65 18.24
CA LEU B 58 -8.46 -21.46 17.54
C LEU B 58 -8.90 -22.62 18.43
N PRO B 59 -10.09 -23.17 18.19
CA PRO B 59 -10.51 -24.36 18.93
C PRO B 59 -9.50 -25.49 18.75
N GLN B 60 -9.47 -26.39 19.73
CA GLN B 60 -8.45 -27.43 19.76
C GLN B 60 -8.53 -28.29 18.51
N GLY B 61 -7.36 -28.59 17.94
CA GLY B 61 -7.28 -29.39 16.74
C GLY B 61 -7.19 -28.62 15.43
N PHE B 62 -7.15 -27.29 15.48
CA PHE B 62 -7.08 -26.48 14.28
C PHE B 62 -5.93 -25.48 14.41
N THR B 63 -5.48 -24.96 13.26
CA THR B 63 -4.31 -24.10 13.24
C THR B 63 -4.37 -23.15 12.05
N TRP B 64 -3.71 -22.01 12.19
CA TRP B 64 -3.62 -21.02 11.12
C TRP B 64 -2.61 -21.44 10.07
N ASP B 65 -2.83 -20.99 8.83
CA ASP B 65 -1.85 -21.22 7.77
C ASP B 65 -2.12 -20.24 6.64
N ALA B 66 -1.20 -19.30 6.43
CA ALA B 66 -1.28 -18.40 5.28
C ALA B 66 -1.08 -19.20 3.98
N LEU B 67 -2.09 -19.18 3.11
CA LEU B 67 -2.06 -19.98 1.89
C LEU B 67 -1.27 -19.25 0.80
N ASP B 68 -0.25 -19.93 0.25
CA ASP B 68 0.52 -19.42 -0.89
C ASP B 68 -0.18 -19.87 -2.17
N LEU B 69 -0.98 -18.98 -2.74
CA LEU B 69 -1.75 -19.32 -3.93
C LEU B 69 -0.89 -19.48 -5.19
N GLY B 70 0.37 -19.04 -5.15
CA GLY B 70 1.30 -19.36 -6.22
C GLY B 70 1.68 -20.83 -6.25
N ASP B 71 1.48 -21.55 -5.15
CA ASP B 71 1.59 -23.00 -5.11
C ASP B 71 0.30 -23.59 -5.66
N ARG B 72 0.39 -24.27 -6.81
CA ARG B 72 -0.81 -24.74 -7.50
C ARG B 72 -1.61 -25.74 -6.67
N GLY B 73 -0.93 -26.53 -5.84
CA GLY B 73 -1.65 -27.46 -4.99
C GLY B 73 -2.44 -26.76 -3.90
N VAL B 74 -1.87 -25.70 -3.32
CA VAL B 74 -2.57 -24.94 -2.29
C VAL B 74 -3.72 -24.16 -2.90
N LEU B 75 -3.51 -23.59 -4.09
CA LEU B 75 -4.62 -22.93 -4.79
C LEU B 75 -5.75 -23.91 -5.04
N LYS B 76 -5.43 -25.14 -5.43
CA LYS B 76 -6.48 -26.14 -5.66
C LYS B 76 -7.19 -26.50 -4.37
N GLU B 77 -6.48 -26.51 -3.23
CA GLU B 77 -7.13 -26.74 -1.94
C GLU B 77 -8.16 -25.66 -1.65
N LEU B 78 -7.82 -24.40 -1.90
CA LEU B 78 -8.79 -23.32 -1.73
C LEU B 78 -9.95 -23.45 -2.71
N TYR B 79 -9.64 -23.74 -3.99
CA TYR B 79 -10.70 -23.98 -4.96
C TYR B 79 -11.68 -25.03 -4.45
N THR B 80 -11.16 -26.13 -3.91
CA THR B 80 -12.03 -27.22 -3.47
C THR B 80 -12.88 -26.80 -2.27
N LEU B 81 -12.28 -26.11 -1.30
CA LEU B 81 -13.04 -25.64 -0.13
C LEU B 81 -14.23 -24.79 -0.56
N LEU B 82 -14.00 -23.78 -1.41
CA LEU B 82 -15.08 -22.92 -1.86
C LEU B 82 -16.07 -23.68 -2.72
N ASN B 83 -15.56 -24.47 -3.66
CA ASN B 83 -16.42 -25.23 -4.57
C ASN B 83 -17.39 -26.14 -3.81
N GLU B 84 -17.00 -26.58 -2.62
CA GLU B 84 -17.83 -27.50 -1.85
C GLU B 84 -18.56 -26.85 -0.69
N ASN B 85 -18.14 -25.66 -0.22
CA ASN B 85 -18.70 -25.10 1.00
C ASN B 85 -19.03 -23.62 0.93
N TYR B 86 -18.98 -22.97 -0.23
CA TYR B 86 -19.16 -21.52 -0.28
C TYR B 86 -20.65 -21.21 -0.55
N VAL B 87 -20.94 -20.01 -1.05
CA VAL B 87 -22.30 -19.48 -1.01
C VAL B 87 -23.22 -20.29 -1.90
N GLU B 88 -24.40 -20.63 -1.37
CA GLU B 88 -25.45 -21.29 -2.12
C GLU B 88 -26.67 -20.38 -2.20
N ASP B 89 -27.48 -20.59 -3.23
CA ASP B 89 -28.76 -19.91 -3.32
C ASP B 89 -29.67 -20.33 -2.15
N ASP B 90 -30.84 -19.71 -2.06
CA ASP B 90 -31.67 -19.87 -0.87
C ASP B 90 -32.29 -21.25 -0.77
N ASP B 91 -32.51 -21.92 -1.90
CA ASP B 91 -33.11 -23.25 -1.93
C ASP B 91 -32.07 -24.35 -2.03
N ASN B 92 -30.78 -24.02 -1.94
CA ASN B 92 -29.69 -24.99 -1.95
C ASN B 92 -29.73 -25.84 -3.23
N MET B 93 -29.89 -25.16 -4.36
CA MET B 93 -29.83 -25.79 -5.67
C MET B 93 -28.56 -25.45 -6.45
N PHE B 94 -27.97 -24.29 -6.21
CA PHE B 94 -26.77 -23.86 -6.90
C PHE B 94 -25.75 -23.37 -5.87
N ARG B 95 -24.47 -23.40 -6.26
CA ARG B 95 -23.37 -22.94 -5.43
C ARG B 95 -22.31 -22.32 -6.31
N PHE B 96 -21.78 -21.16 -5.90
CA PHE B 96 -20.69 -20.51 -6.63
C PHE B 96 -19.56 -21.49 -6.91
N ASP B 97 -19.05 -21.43 -8.14
CA ASP B 97 -17.93 -22.27 -8.57
C ASP B 97 -16.83 -21.36 -9.11
N TYR B 98 -16.22 -20.57 -8.22
CA TYR B 98 -15.07 -19.75 -8.60
C TYR B 98 -13.93 -20.63 -9.11
N SER B 99 -13.42 -20.30 -10.30
CA SER B 99 -12.30 -21.05 -10.87
C SER B 99 -10.99 -20.68 -10.18
N PRO B 100 -9.98 -21.55 -10.27
CA PRO B 100 -8.68 -21.19 -9.65
C PRO B 100 -8.07 -19.93 -10.24
N GLU B 101 -8.17 -19.75 -11.56
CA GLU B 101 -7.59 -18.56 -12.18
C GLU B 101 -8.35 -17.29 -11.79
N PHE B 102 -9.67 -17.41 -11.59
CA PHE B 102 -10.44 -16.28 -11.07
C PHE B 102 -9.97 -15.89 -9.67
N LEU B 103 -9.76 -16.89 -8.81
CA LEU B 103 -9.33 -16.62 -7.44
C LEU B 103 -7.99 -15.87 -7.43
N LEU B 104 -7.06 -16.28 -8.29
CA LEU B 104 -5.82 -15.54 -8.43
C LEU B 104 -6.07 -14.09 -8.84
N TRP B 105 -6.98 -13.88 -9.79
CA TRP B 105 -7.39 -12.52 -10.17
C TRP B 105 -7.94 -11.76 -8.98
N ALA B 106 -8.89 -12.35 -8.26
CA ALA B 106 -9.57 -11.64 -7.18
C ALA B 106 -8.68 -11.46 -5.96
N LEU B 107 -7.74 -12.37 -5.72
CA LEU B 107 -6.99 -12.37 -4.48
C LEU B 107 -5.57 -11.84 -4.62
N ARG B 108 -5.08 -11.61 -5.84
CA ARG B 108 -3.76 -11.03 -6.05
C ARG B 108 -3.78 -9.76 -6.89
N PRO B 109 -4.54 -8.74 -6.48
CA PRO B 109 -4.41 -7.44 -7.13
C PRO B 109 -3.11 -6.78 -6.68
N PRO B 110 -2.74 -5.65 -7.29
CA PRO B 110 -1.56 -4.91 -6.81
C PRO B 110 -1.67 -4.61 -5.32
N GLY B 111 -0.59 -4.91 -4.59
CA GLY B 111 -0.55 -4.67 -3.17
C GLY B 111 -0.99 -5.81 -2.29
N TRP B 112 -1.30 -6.97 -2.87
CA TRP B 112 -1.73 -8.12 -2.08
C TRP B 112 -0.62 -8.58 -1.15
N LEU B 113 -1.01 -9.17 -0.03
CA LEU B 113 -0.05 -9.66 0.95
C LEU B 113 -0.34 -11.12 1.28
N PRO B 114 0.69 -11.96 1.42
CA PRO B 114 0.44 -13.38 1.65
C PRO B 114 -0.23 -13.68 2.98
N GLN B 115 0.03 -12.87 4.01
CA GLN B 115 -0.61 -13.11 5.31
C GLN B 115 -2.09 -12.77 5.29
N TRP B 116 -2.59 -12.09 4.25
CA TRP B 116 -4.00 -11.78 4.14
C TRP B 116 -4.78 -12.85 3.38
N HIS B 117 -4.13 -13.95 3.02
CA HIS B 117 -4.81 -15.14 2.51
C HIS B 117 -4.84 -16.14 3.66
N CYS B 118 -5.79 -15.92 4.57
CA CYS B 118 -5.77 -16.47 5.91
C CYS B 118 -6.61 -17.75 5.96
N GLY B 119 -5.94 -18.89 6.03
CA GLY B 119 -6.63 -20.17 6.06
C GLY B 119 -6.60 -20.85 7.41
N VAL B 120 -7.48 -21.83 7.61
CA VAL B 120 -7.51 -22.64 8.83
C VAL B 120 -7.42 -24.10 8.44
N ARG B 121 -6.50 -24.83 9.06
CA ARG B 121 -6.27 -26.24 8.76
C ARG B 121 -6.47 -27.11 9.99
N VAL B 122 -6.95 -28.34 9.75
CA VAL B 122 -6.98 -29.36 10.80
C VAL B 122 -5.55 -29.73 11.16
N VAL B 123 -5.24 -29.72 12.46
CA VAL B 123 -3.86 -29.93 12.90
C VAL B 123 -3.34 -31.29 12.43
N SER B 124 -4.11 -32.35 12.69
CA SER B 124 -3.60 -33.70 12.44
C SER B 124 -3.47 -34.00 10.95
N SER B 125 -4.49 -33.65 10.16
CA SER B 125 -4.53 -34.03 8.75
C SER B 125 -4.10 -32.93 7.80
N ARG B 126 -4.02 -31.67 8.26
CA ARG B 126 -3.68 -30.50 7.46
C ARG B 126 -4.78 -30.14 6.46
N LYS B 127 -5.98 -30.70 6.60
CA LYS B 127 -7.06 -30.39 5.67
C LYS B 127 -7.52 -28.95 5.81
N LEU B 128 -7.67 -28.26 4.68
CA LEU B 128 -8.14 -26.89 4.69
C LEU B 128 -9.64 -26.85 4.99
N VAL B 129 -10.04 -26.07 5.98
CA VAL B 129 -11.42 -26.13 6.46
C VAL B 129 -11.99 -24.75 6.73
N GLY B 130 -11.18 -23.71 6.54
CA GLY B 130 -11.65 -22.35 6.75
C GLY B 130 -10.77 -21.37 6.02
N PHE B 131 -11.33 -20.19 5.76
CA PHE B 131 -10.60 -19.21 4.95
C PHE B 131 -11.26 -17.86 5.08
N ILE B 132 -10.44 -16.81 4.98
CA ILE B 132 -10.90 -15.44 4.82
C ILE B 132 -9.75 -14.67 4.19
N SER B 133 -10.08 -13.60 3.45
CA SER B 133 -9.05 -12.87 2.72
C SER B 133 -9.28 -11.37 2.81
N ALA B 134 -8.17 -10.63 2.71
CA ALA B 134 -8.20 -9.18 2.59
C ALA B 134 -7.29 -8.75 1.44
N ILE B 135 -7.75 -7.77 0.67
CA ILE B 135 -6.95 -7.15 -0.38
C ILE B 135 -6.97 -5.63 -0.14
N PRO B 136 -5.92 -4.91 -0.47
CA PRO B 136 -5.92 -3.46 -0.21
C PRO B 136 -6.75 -2.71 -1.24
N ALA B 137 -7.39 -1.64 -0.78
CA ALA B 137 -8.22 -0.83 -1.67
C ALA B 137 -8.32 0.57 -1.13
N ASN B 138 -8.05 1.56 -1.99
CA ASN B 138 -8.30 2.95 -1.64
C ASN B 138 -9.77 3.26 -1.94
N ILE B 139 -10.48 3.75 -0.93
CA ILE B 139 -11.94 3.83 -0.97
C ILE B 139 -12.36 5.27 -0.73
N HIS B 140 -13.28 5.74 -1.57
CA HIS B 140 -13.91 7.05 -1.42
C HIS B 140 -15.28 6.84 -0.80
N ILE B 141 -15.51 7.43 0.37
CA ILE B 141 -16.81 7.39 1.04
C ILE B 141 -17.19 8.83 1.37
N TYR B 142 -18.22 9.34 0.70
CA TYR B 142 -18.64 10.74 0.80
C TYR B 142 -17.45 11.68 0.56
N ASP B 143 -17.02 12.43 1.58
CA ASP B 143 -15.96 13.42 1.40
C ASP B 143 -14.59 12.95 1.84
N THR B 144 -14.43 11.65 2.09
CA THR B 144 -13.18 11.11 2.60
C THR B 144 -12.66 10.03 1.67
N GLU B 145 -11.34 10.03 1.46
CA GLU B 145 -10.65 8.97 0.75
C GLU B 145 -9.71 8.29 1.75
N LYS B 146 -9.91 7.00 1.98
CA LYS B 146 -9.18 6.27 3.01
C LYS B 146 -8.60 4.99 2.40
N LYS B 147 -7.39 4.65 2.84
CA LYS B 147 -6.83 3.33 2.55
C LYS B 147 -7.55 2.30 3.41
N MET B 148 -8.19 1.33 2.75
CA MET B 148 -8.95 0.28 3.41
C MET B 148 -8.50 -1.07 2.87
N VAL B 149 -9.14 -2.12 3.37
CA VAL B 149 -9.08 -3.43 2.73
C VAL B 149 -10.49 -3.84 2.36
N GLU B 150 -10.58 -4.73 1.38
CA GLU B 150 -11.84 -5.41 1.04
C GLU B 150 -11.75 -6.84 1.54
N ILE B 151 -12.77 -7.28 2.27
CA ILE B 151 -12.82 -8.62 2.85
C ILE B 151 -13.76 -9.47 2.00
N ASN B 152 -13.29 -10.65 1.62
CA ASN B 152 -14.07 -11.53 0.76
C ASN B 152 -13.74 -12.98 1.08
N PHE B 153 -14.59 -13.87 0.59
CA PHE B 153 -14.34 -15.32 0.60
C PHE B 153 -14.28 -15.88 2.02
N LEU B 154 -15.07 -15.34 2.94
CA LEU B 154 -15.20 -15.96 4.25
C LEU B 154 -15.96 -17.27 4.09
N CYS B 155 -15.30 -18.38 4.38
CA CYS B 155 -15.90 -19.71 4.22
C CYS B 155 -15.43 -20.63 5.33
N VAL B 156 -16.39 -21.29 5.99
CA VAL B 156 -16.11 -22.32 6.98
C VAL B 156 -16.69 -23.63 6.46
N HIS B 157 -15.91 -24.70 6.55
CA HIS B 157 -16.33 -26.01 6.08
C HIS B 157 -17.66 -26.42 6.70
N LYS B 158 -18.50 -27.07 5.89
CA LYS B 158 -19.85 -27.43 6.33
C LYS B 158 -19.82 -28.28 7.59
N LYS B 159 -18.83 -29.17 7.71
CA LYS B 159 -18.74 -30.02 8.90
C LYS B 159 -18.24 -29.27 10.12
N LEU B 160 -17.78 -28.03 9.97
CA LEU B 160 -17.26 -27.26 11.10
C LEU B 160 -18.11 -26.05 11.44
N ARG B 161 -19.32 -25.96 10.94
CA ARG B 161 -20.09 -24.75 11.20
C ARG B 161 -20.64 -24.77 12.62
N SER B 162 -21.15 -23.60 13.03
CA SER B 162 -21.68 -23.37 14.37
C SER B 162 -20.63 -23.57 15.47
N LYS B 163 -19.38 -23.83 15.10
CA LYS B 163 -18.30 -23.98 16.06
C LYS B 163 -17.61 -22.66 16.40
N ARG B 164 -18.20 -21.52 16.00
CA ARG B 164 -17.67 -20.19 16.26
C ARG B 164 -16.34 -19.95 15.56
N VAL B 165 -16.11 -20.62 14.43
CA VAL B 165 -14.86 -20.42 13.69
C VAL B 165 -14.91 -19.13 12.86
N ALA B 166 -16.09 -18.71 12.40
CA ALA B 166 -16.15 -17.49 11.60
C ALA B 166 -15.78 -16.24 12.38
N PRO B 167 -16.27 -16.02 13.61
CA PRO B 167 -15.84 -14.82 14.35
C PRO B 167 -14.33 -14.77 14.60
N VAL B 168 -13.67 -15.91 14.77
CA VAL B 168 -12.23 -15.87 14.98
C VAL B 168 -11.50 -15.61 13.66
N LEU B 169 -12.03 -16.09 12.53
CA LEU B 169 -11.48 -15.71 11.24
C LEU B 169 -11.59 -14.20 11.03
N ILE B 170 -12.73 -13.61 11.39
CA ILE B 170 -12.92 -12.17 11.25
C ILE B 170 -11.92 -11.41 12.11
N ARG B 171 -11.77 -11.82 13.38
CA ARG B 171 -10.87 -11.09 14.27
C ARG B 171 -9.42 -11.23 13.87
N GLU B 172 -9.04 -12.41 13.36
CA GLU B 172 -7.66 -12.64 12.96
C GLU B 172 -7.29 -11.85 11.72
N ILE B 173 -8.18 -11.79 10.72
CA ILE B 173 -7.88 -10.97 9.56
C ILE B 173 -7.85 -9.50 9.97
N THR B 174 -8.71 -9.10 10.91
CA THR B 174 -8.68 -7.74 11.44
C THR B 174 -7.31 -7.44 12.05
N ARG B 175 -6.80 -8.38 12.84
CA ARG B 175 -5.49 -8.22 13.47
C ARG B 175 -4.38 -8.08 12.42
N ARG B 176 -4.38 -8.96 11.42
CA ARG B 176 -3.36 -8.89 10.38
C ARG B 176 -3.46 -7.62 9.56
N VAL B 177 -4.68 -7.08 9.40
CA VAL B 177 -4.83 -5.80 8.70
C VAL B 177 -4.34 -4.66 9.58
N HIS B 178 -4.69 -4.67 10.86
CA HIS B 178 -4.19 -3.66 11.80
C HIS B 178 -2.67 -3.61 11.82
N LEU B 179 -2.02 -4.76 11.71
CA LEU B 179 -0.56 -4.81 11.77
C LEU B 179 0.08 -4.02 10.64
N GLU B 180 -0.63 -3.83 9.53
CA GLU B 180 -0.16 -3.05 8.39
C GLU B 180 -0.64 -1.60 8.43
N GLY B 181 -1.28 -1.17 9.52
CA GLY B 181 -1.68 0.22 9.66
C GLY B 181 -3.00 0.59 9.01
N ILE B 182 -3.85 -0.38 8.69
CA ILE B 182 -5.15 -0.12 8.08
C ILE B 182 -6.22 -0.41 9.12
N PHE B 183 -7.18 0.50 9.25
CA PHE B 183 -8.19 0.41 10.31
C PHE B 183 -9.62 0.51 9.81
N GLN B 184 -9.86 0.47 8.50
CA GLN B 184 -11.20 0.40 7.94
C GLN B 184 -11.25 -0.70 6.88
N ALA B 185 -12.45 -1.19 6.63
CA ALA B 185 -12.67 -2.22 5.62
C ALA B 185 -14.05 -2.06 5.00
N VAL B 186 -14.18 -2.55 3.77
CA VAL B 186 -15.45 -2.65 3.05
C VAL B 186 -15.73 -4.11 2.77
N TYR B 187 -17.01 -4.47 2.76
CA TYR B 187 -17.41 -5.85 2.52
C TYR B 187 -18.90 -5.93 2.26
N THR B 188 -19.32 -7.01 1.60
CA THR B 188 -20.71 -7.26 1.28
C THR B 188 -21.15 -8.58 1.87
N ALA B 189 -22.47 -8.74 2.00
CA ALA B 189 -23.06 -10.00 2.43
C ALA B 189 -24.53 -10.02 2.02
N GLY B 190 -25.04 -11.24 1.82
CA GLY B 190 -26.46 -11.43 1.56
C GLY B 190 -27.34 -11.44 2.78
N VAL B 191 -26.75 -11.35 3.97
CA VAL B 191 -27.51 -11.29 5.20
C VAL B 191 -27.41 -9.87 5.76
N VAL B 192 -28.38 -9.53 6.61
CA VAL B 192 -28.39 -8.23 7.27
C VAL B 192 -27.58 -8.33 8.54
N LEU B 193 -26.59 -7.45 8.68
CA LEU B 193 -25.73 -7.33 9.83
C LEU B 193 -25.69 -5.87 10.24
N PRO B 194 -25.25 -5.56 11.45
CA PRO B 194 -24.95 -4.16 11.78
C PRO B 194 -23.68 -3.74 11.03
N LYS B 195 -23.78 -2.70 10.20
CA LYS B 195 -25.01 -2.02 9.79
C LYS B 195 -24.84 -1.57 8.34
N PRO B 196 -25.80 -1.91 7.47
CA PRO B 196 -25.62 -1.65 6.04
C PRO B 196 -25.49 -0.16 5.73
N VAL B 197 -24.40 0.19 5.04
CA VAL B 197 -24.30 1.53 4.48
C VAL B 197 -25.15 1.66 3.22
N GLY B 198 -25.54 0.54 2.63
CA GLY B 198 -26.38 0.54 1.44
C GLY B 198 -26.93 -0.84 1.14
N THR B 199 -28.09 -0.90 0.49
CA THR B 199 -28.73 -2.17 0.19
C THR B 199 -29.05 -2.22 -1.29
N CYS B 200 -28.45 -3.19 -2.00
CA CYS B 200 -28.65 -3.36 -3.43
C CYS B 200 -29.35 -4.67 -3.70
N ARG B 201 -29.96 -4.74 -4.89
CA ARG B 201 -30.80 -5.86 -5.30
C ARG B 201 -30.24 -6.43 -6.60
N TYR B 202 -30.12 -7.76 -6.64
CA TYR B 202 -29.67 -8.42 -7.87
C TYR B 202 -30.84 -8.54 -8.85
N TRP B 203 -30.54 -8.35 -10.13
CA TRP B 203 -31.46 -8.58 -11.23
C TRP B 203 -30.81 -9.53 -12.23
N HIS B 204 -31.64 -10.18 -13.03
CA HIS B 204 -31.18 -11.27 -13.89
C HIS B 204 -31.78 -11.16 -15.28
N ARG B 205 -30.91 -11.22 -16.30
CA ARG B 205 -31.35 -11.20 -17.70
C ARG B 205 -31.10 -12.59 -18.26
N SER B 206 -32.19 -13.31 -18.55
CA SER B 206 -32.06 -14.61 -19.19
C SER B 206 -31.37 -14.45 -20.54
N LEU B 207 -30.37 -15.29 -20.79
CA LEU B 207 -29.73 -15.40 -22.08
C LEU B 207 -30.03 -16.72 -22.77
N ASN B 208 -30.06 -17.82 -22.02
N ASN B 208 -30.10 -17.80 -22.00
CA ASN B 208 -30.50 -19.12 -22.52
CA ASN B 208 -30.47 -19.13 -22.50
C ASN B 208 -31.64 -19.57 -21.65
C ASN B 208 -31.65 -19.59 -21.64
N PRO B 209 -32.85 -19.05 -21.89
CA PRO B 209 -33.97 -19.31 -20.96
C PRO B 209 -34.35 -20.77 -20.83
N ARG B 210 -34.21 -21.58 -21.87
CA ARG B 210 -34.55 -22.99 -21.77
C ARG B 210 -33.76 -23.66 -20.64
N LYS B 211 -32.44 -23.50 -20.65
CA LYS B 211 -31.61 -24.15 -19.64
C LYS B 211 -31.92 -23.60 -18.25
N LEU B 212 -32.17 -22.29 -18.15
CA LEU B 212 -32.48 -21.71 -16.85
C LEU B 212 -33.79 -22.27 -16.28
N ILE B 213 -34.74 -22.60 -17.14
CA ILE B 213 -36.00 -23.19 -16.68
C ILE B 213 -35.79 -24.66 -16.34
N GLU B 214 -34.99 -25.37 -17.15
CA GLU B 214 -34.75 -26.79 -16.91
C GLU B 214 -34.08 -27.05 -15.56
N VAL B 215 -33.21 -26.13 -15.12
CA VAL B 215 -32.51 -26.30 -13.85
C VAL B 215 -33.22 -25.56 -12.72
N LYS B 216 -34.40 -24.99 -12.99
CA LYS B 216 -35.20 -24.26 -12.02
C LYS B 216 -34.44 -23.08 -11.42
N PHE B 217 -33.47 -22.54 -12.17
CA PHE B 217 -32.95 -21.20 -11.86
C PHE B 217 -34.05 -20.16 -11.99
N SER B 218 -34.72 -20.16 -13.12
CA SER B 218 -35.88 -19.32 -13.31
C SER B 218 -37.09 -20.19 -13.54
N HIS B 219 -38.24 -19.54 -13.66
N HIS B 219 -38.25 -19.54 -13.60
CA HIS B 219 -39.50 -20.23 -13.87
CA HIS B 219 -39.51 -20.24 -13.87
C HIS B 219 -40.25 -19.55 -15.01
C HIS B 219 -40.28 -19.53 -14.99
N LEU B 220 -41.12 -20.32 -15.64
CA LEU B 220 -42.04 -19.80 -16.65
C LEU B 220 -43.01 -18.81 -16.02
N SER B 221 -43.34 -17.77 -16.78
CA SER B 221 -44.35 -16.83 -16.35
C SER B 221 -45.74 -17.46 -16.41
N ARG B 222 -46.72 -16.75 -15.81
CA ARG B 222 -48.01 -17.37 -15.51
C ARG B 222 -48.74 -17.84 -16.77
N ASN B 223 -48.86 -16.96 -17.77
CA ASN B 223 -49.51 -17.29 -19.03
C ASN B 223 -48.51 -17.11 -20.18
N MET B 224 -47.43 -17.89 -20.12
CA MET B 224 -46.38 -17.84 -21.12
C MET B 224 -45.90 -19.24 -21.44
N THR B 225 -45.93 -19.59 -22.72
CA THR B 225 -45.36 -20.86 -23.16
C THR B 225 -43.85 -20.76 -23.18
N MET B 226 -43.20 -21.92 -23.29
CA MET B 226 -41.75 -21.96 -23.46
C MET B 226 -41.33 -21.29 -24.77
N GLN B 227 -42.06 -21.58 -25.84
CA GLN B 227 -41.72 -21.03 -27.16
C GLN B 227 -41.82 -19.52 -27.16
N ARG B 228 -42.83 -18.97 -26.48
CA ARG B 228 -42.92 -17.53 -26.35
C ARG B 228 -41.76 -16.96 -25.54
N THR B 229 -41.31 -17.69 -24.50
CA THR B 229 -40.21 -17.19 -23.69
C THR B 229 -38.91 -17.13 -24.50
N MET B 230 -38.70 -18.10 -25.40
CA MET B 230 -37.60 -18.03 -26.36
C MET B 230 -37.58 -16.68 -27.07
N LYS B 231 -38.71 -16.31 -27.67
CA LYS B 231 -38.75 -15.12 -28.52
C LYS B 231 -38.56 -13.86 -27.69
N LEU B 232 -39.16 -13.82 -26.51
CA LEU B 232 -39.05 -12.64 -25.64
C LEU B 232 -37.60 -12.27 -25.39
N TYR B 233 -36.74 -13.26 -25.16
CA TYR B 233 -35.36 -13.03 -24.73
C TYR B 233 -34.34 -13.17 -25.85
N ARG B 234 -34.78 -13.42 -27.08
CA ARG B 234 -33.85 -13.52 -28.19
C ARG B 234 -33.12 -12.20 -28.39
N LEU B 235 -31.82 -12.28 -28.70
CA LEU B 235 -31.01 -11.08 -28.88
C LEU B 235 -30.41 -11.04 -30.28
N PRO B 236 -30.10 -9.86 -30.80
CA PRO B 236 -29.35 -9.78 -32.06
C PRO B 236 -28.00 -10.47 -31.91
N GLU B 237 -27.42 -10.84 -33.06
CA GLU B 237 -26.24 -11.69 -33.03
C GLU B 237 -24.92 -10.91 -33.10
N THR B 238 -24.97 -9.59 -33.26
CA THR B 238 -23.76 -8.77 -33.23
C THR B 238 -24.10 -7.47 -32.50
N PRO B 239 -23.15 -6.94 -31.73
CA PRO B 239 -23.40 -5.67 -31.02
C PRO B 239 -23.59 -4.52 -32.01
N LYS B 240 -24.22 -3.45 -31.52
CA LYS B 240 -24.62 -2.37 -32.42
C LYS B 240 -23.89 -1.06 -32.18
N THR B 241 -23.10 -0.92 -31.11
CA THR B 241 -22.39 0.32 -30.89
C THR B 241 -21.19 0.43 -31.81
N ALA B 242 -21.11 1.54 -32.55
CA ALA B 242 -20.00 1.79 -33.44
C ALA B 242 -18.69 1.90 -32.68
N GLY B 243 -17.64 1.29 -33.23
CA GLY B 243 -16.32 1.39 -32.64
C GLY B 243 -16.08 0.48 -31.46
N LEU B 244 -17.04 -0.39 -31.14
CA LEU B 244 -16.88 -1.32 -30.03
C LEU B 244 -15.85 -2.38 -30.38
N ARG B 245 -14.98 -2.68 -29.43
CA ARG B 245 -13.90 -3.65 -29.60
C ARG B 245 -13.33 -4.00 -28.22
N PRO B 246 -12.66 -5.14 -28.10
CA PRO B 246 -12.08 -5.51 -26.80
C PRO B 246 -11.01 -4.53 -26.37
N MET B 247 -10.89 -4.37 -25.06
CA MET B 247 -9.85 -3.52 -24.49
C MET B 247 -8.48 -4.10 -24.77
N GLU B 248 -7.53 -3.20 -25.09
CA GLU B 248 -6.15 -3.56 -25.36
C GLU B 248 -5.22 -2.78 -24.43
N THR B 249 -3.92 -3.14 -24.47
CA THR B 249 -2.95 -2.51 -23.57
C THR B 249 -2.95 -0.99 -23.71
N LYS B 250 -3.03 -0.50 -24.95
CA LYS B 250 -3.00 0.94 -25.18
C LYS B 250 -4.17 1.66 -24.53
N ASP B 251 -5.26 0.95 -24.22
CA ASP B 251 -6.45 1.55 -23.63
C ASP B 251 -6.35 1.75 -22.13
N ILE B 252 -5.34 1.17 -21.47
CA ILE B 252 -5.28 1.23 -20.00
C ILE B 252 -5.38 2.67 -19.47
N PRO B 253 -4.64 3.65 -20.01
CA PRO B 253 -4.75 5.01 -19.45
C PRO B 253 -6.10 5.68 -19.64
N VAL B 254 -6.73 5.51 -20.80
CA VAL B 254 -8.01 6.20 -21.00
C VAL B 254 -9.13 5.50 -20.23
N VAL B 255 -9.09 4.17 -20.13
CA VAL B 255 -10.04 3.45 -19.27
C VAL B 255 -9.92 3.94 -17.83
N HIS B 256 -8.67 4.12 -17.37
CA HIS B 256 -8.45 4.67 -16.03
C HIS B 256 -9.06 6.07 -15.91
N GLN B 257 -8.82 6.91 -16.92
CA GLN B 257 -9.32 8.27 -16.91
C GLN B 257 -10.85 8.29 -16.94
N LEU B 258 -11.43 7.47 -17.80
CA LEU B 258 -12.89 7.41 -17.92
C LEU B 258 -13.53 6.96 -16.61
N LEU B 259 -13.00 5.89 -16.02
CA LEU B 259 -13.57 5.35 -14.79
C LEU B 259 -13.46 6.35 -13.64
N THR B 260 -12.28 6.95 -13.46
CA THR B 260 -12.08 7.90 -12.37
C THR B 260 -13.09 9.05 -12.44
N ARG B 261 -13.25 9.64 -13.62
CA ARG B 261 -14.15 10.79 -13.74
C ARG B 261 -15.60 10.36 -13.57
N TYR B 262 -15.95 9.18 -14.06
CA TYR B 262 -17.34 8.73 -13.97
C TYR B 262 -17.74 8.41 -12.53
N LEU B 263 -16.80 7.92 -11.71
CA LEU B 263 -17.16 7.45 -10.37
C LEU B 263 -17.39 8.59 -9.38
N LYS B 264 -16.99 9.82 -9.72
CA LYS B 264 -17.13 10.94 -8.80
C LYS B 264 -18.58 11.27 -8.46
N GLN B 265 -19.53 10.81 -9.27
CA GLN B 265 -20.94 11.11 -9.00
C GLN B 265 -21.54 10.23 -7.90
N PHE B 266 -20.87 9.17 -7.50
CA PHE B 266 -21.36 8.28 -6.46
C PHE B 266 -20.65 8.56 -5.14
N HIS B 267 -21.20 8.01 -4.05
CA HIS B 267 -20.72 8.29 -2.70
C HIS B 267 -19.85 7.19 -2.11
N LEU B 268 -19.84 6.01 -2.71
CA LEU B 268 -18.97 4.91 -2.27
C LEU B 268 -18.35 4.31 -3.52
N THR B 269 -17.05 4.50 -3.69
CA THR B 269 -16.37 4.11 -4.93
C THR B 269 -14.96 3.66 -4.60
N PRO B 270 -14.35 2.85 -5.46
CA PRO B 270 -12.91 2.63 -5.38
C PRO B 270 -12.16 3.81 -5.99
N VAL B 271 -10.92 3.98 -5.54
CA VAL B 271 -9.99 4.92 -6.14
C VAL B 271 -8.83 4.08 -6.67
N MET B 272 -8.81 3.85 -7.98
CA MET B 272 -7.88 2.93 -8.59
C MET B 272 -6.70 3.66 -9.20
N SER B 273 -5.50 3.12 -8.97
CA SER B 273 -4.33 3.52 -9.71
C SER B 273 -4.37 2.92 -11.12
N GLN B 274 -3.45 3.38 -11.97
CA GLN B 274 -3.44 2.84 -13.33
C GLN B 274 -3.08 1.36 -13.34
N GLU B 275 -2.23 0.94 -12.40
CA GLU B 275 -1.90 -0.48 -12.28
C GLU B 275 -3.11 -1.30 -11.85
N GLU B 276 -3.95 -0.74 -10.97
CA GLU B 276 -5.14 -1.45 -10.55
C GLU B 276 -6.15 -1.55 -11.69
N VAL B 277 -6.22 -0.51 -12.53
CA VAL B 277 -7.12 -0.56 -13.69
C VAL B 277 -6.69 -1.68 -14.64
N GLU B 278 -5.38 -1.77 -14.91
CA GLU B 278 -4.90 -2.85 -15.76
C GLU B 278 -5.30 -4.21 -15.19
N HIS B 279 -5.13 -4.41 -13.88
CA HIS B 279 -5.44 -5.71 -13.29
C HIS B 279 -6.93 -6.02 -13.37
N TRP B 280 -7.79 -5.07 -13.02
CA TRP B 280 -9.22 -5.39 -12.88
C TRP B 280 -9.96 -5.43 -14.20
N PHE B 281 -9.42 -4.83 -15.27
CA PHE B 281 -10.16 -4.70 -16.53
C PHE B 281 -9.49 -5.35 -17.73
N TYR B 282 -8.17 -5.53 -17.73
CA TYR B 282 -7.53 -6.13 -18.90
C TYR B 282 -8.10 -7.52 -19.13
N PRO B 283 -8.66 -7.80 -20.31
CA PRO B 283 -9.43 -9.04 -20.50
C PRO B 283 -8.60 -10.28 -20.21
N GLN B 284 -9.22 -11.21 -19.48
CA GLN B 284 -8.67 -12.53 -19.24
C GLN B 284 -9.78 -13.53 -19.53
N GLU B 285 -9.56 -14.39 -20.52
CA GLU B 285 -10.58 -15.34 -20.94
C GLU B 285 -11.14 -16.10 -19.75
N ASN B 286 -12.47 -16.17 -19.67
CA ASN B 286 -13.22 -16.86 -18.61
C ASN B 286 -13.05 -16.22 -17.24
N ILE B 287 -12.59 -14.97 -17.16
CA ILE B 287 -12.46 -14.29 -15.88
C ILE B 287 -13.11 -12.91 -15.97
N ILE B 288 -12.58 -12.05 -16.84
CA ILE B 288 -13.03 -10.67 -16.95
C ILE B 288 -13.03 -10.28 -18.43
N ASP B 289 -14.09 -9.60 -18.85
CA ASP B 289 -14.23 -9.09 -20.21
C ASP B 289 -14.43 -7.58 -20.16
N THR B 290 -13.70 -6.85 -21.00
CA THR B 290 -13.84 -5.40 -21.09
C THR B 290 -13.83 -5.01 -22.56
N PHE B 291 -14.86 -4.29 -22.99
CA PHE B 291 -14.99 -3.77 -24.34
C PHE B 291 -15.07 -2.25 -24.29
N VAL B 292 -14.31 -1.58 -25.16
CA VAL B 292 -14.28 -0.12 -25.18
C VAL B 292 -14.89 0.36 -26.49
N VAL B 293 -15.32 1.62 -26.48
CA VAL B 293 -15.88 2.29 -27.65
C VAL B 293 -14.88 3.32 -28.14
N GLU B 294 -14.26 3.06 -29.29
CA GLU B 294 -13.34 3.99 -29.94
C GLU B 294 -14.04 4.59 -31.16
N ASN B 295 -14.32 5.90 -31.11
CA ASN B 295 -15.15 6.53 -32.13
C ASN B 295 -14.39 6.86 -33.42
N ALA B 296 -14.98 7.72 -34.26
CA ALA B 296 -14.43 8.01 -35.58
C ALA B 296 -13.19 8.89 -35.54
N ASN B 297 -12.95 9.57 -34.42
CA ASN B 297 -11.75 10.37 -34.20
C ASN B 297 -10.63 9.57 -33.54
N GLY B 298 -10.88 8.31 -33.19
CA GLY B 298 -9.89 7.50 -32.50
C GLY B 298 -9.87 7.67 -30.99
N GLU B 299 -10.90 8.29 -30.42
CA GLU B 299 -10.98 8.52 -28.98
C GLU B 299 -11.82 7.42 -28.35
N VAL B 300 -11.35 6.88 -27.22
CA VAL B 300 -12.16 5.94 -26.45
C VAL B 300 -13.11 6.73 -25.57
N THR B 301 -14.41 6.51 -25.76
CA THR B 301 -15.43 7.31 -25.10
C THR B 301 -16.26 6.53 -24.08
N ASP B 302 -16.32 5.20 -24.19
CA ASP B 302 -17.15 4.39 -23.31
C ASP B 302 -16.48 3.03 -23.15
N PHE B 303 -16.86 2.33 -22.07
CA PHE B 303 -16.48 0.93 -21.96
C PHE B 303 -17.49 0.20 -21.08
N LEU B 304 -17.55 -1.11 -21.29
CA LEU B 304 -18.37 -2.01 -20.49
C LEU B 304 -17.52 -3.17 -20.04
N SER B 305 -17.93 -3.82 -18.96
CA SER B 305 -17.14 -4.94 -18.44
C SER B 305 -18.04 -5.85 -17.61
N PHE B 306 -17.73 -7.15 -17.64
CA PHE B 306 -18.41 -8.13 -16.81
C PHE B 306 -17.45 -9.27 -16.50
N TYR B 307 -17.62 -9.87 -15.33
CA TYR B 307 -16.76 -10.97 -14.92
C TYR B 307 -17.50 -12.29 -14.94
N THR B 308 -16.72 -13.38 -14.98
CA THR B 308 -17.23 -14.74 -15.18
C THR B 308 -17.30 -15.47 -13.84
N LEU B 309 -18.49 -15.90 -13.46
CA LEU B 309 -18.70 -16.62 -12.20
C LEU B 309 -19.72 -17.71 -12.43
N PRO B 310 -19.28 -18.92 -12.75
CA PRO B 310 -20.21 -20.04 -12.93
C PRO B 310 -20.65 -20.60 -11.58
N SER B 311 -21.67 -21.45 -11.64
CA SER B 311 -22.24 -22.04 -10.44
C SER B 311 -22.49 -23.53 -10.66
N THR B 312 -22.16 -24.33 -9.65
CA THR B 312 -22.46 -25.75 -9.68
C THR B 312 -23.98 -25.96 -9.57
N ILE B 313 -24.52 -26.83 -10.42
CA ILE B 313 -25.91 -27.27 -10.31
C ILE B 313 -25.88 -28.56 -9.52
N MET B 314 -26.42 -28.53 -8.30
CA MET B 314 -26.21 -29.67 -7.41
C MET B 314 -26.96 -30.91 -7.91
N ASN B 315 -28.24 -30.78 -8.32
CA ASN B 315 -28.99 -31.98 -8.71
C ASN B 315 -29.75 -31.82 -10.02
N HIS B 316 -29.05 -31.98 -11.15
CA HIS B 316 -29.76 -32.06 -12.42
C HIS B 316 -29.15 -33.15 -13.29
N PRO B 317 -30.00 -33.93 -13.97
CA PRO B 317 -29.48 -35.08 -14.74
C PRO B 317 -28.62 -34.68 -15.94
N THR B 318 -28.97 -33.59 -16.64
CA THR B 318 -28.22 -33.19 -17.82
C THR B 318 -27.23 -32.06 -17.54
N HIS B 319 -27.69 -30.96 -16.92
CA HIS B 319 -26.85 -29.79 -16.75
C HIS B 319 -26.02 -29.90 -15.48
N LYS B 320 -24.71 -29.70 -15.63
CA LYS B 320 -23.79 -29.73 -14.50
C LYS B 320 -23.41 -28.35 -13.99
N SER B 321 -23.40 -27.33 -14.86
CA SER B 321 -22.95 -26.01 -14.46
C SER B 321 -23.77 -24.93 -15.17
N LEU B 322 -23.89 -23.78 -14.50
CA LEU B 322 -24.60 -22.62 -15.00
C LEU B 322 -23.61 -21.48 -15.13
N LYS B 323 -23.47 -20.95 -16.34
CA LYS B 323 -22.48 -19.91 -16.63
C LYS B 323 -23.15 -18.54 -16.52
N ALA B 324 -22.73 -17.77 -15.52
CA ALA B 324 -23.32 -16.46 -15.23
C ALA B 324 -22.29 -15.36 -15.48
N ALA B 325 -22.75 -14.28 -16.09
CA ALA B 325 -21.96 -13.07 -16.28
C ALA B 325 -22.45 -12.00 -15.30
N TYR B 326 -21.51 -11.37 -14.60
CA TYR B 326 -21.84 -10.35 -13.61
C TYR B 326 -21.36 -9.01 -14.13
N SER B 327 -22.29 -8.06 -14.28
CA SER B 327 -21.94 -6.71 -14.64
C SER B 327 -20.92 -6.14 -13.66
N PHE B 328 -19.91 -5.43 -14.19
CA PHE B 328 -18.79 -4.97 -13.39
C PHE B 328 -18.84 -3.47 -13.35
N TYR B 329 -18.00 -2.77 -14.12
CA TYR B 329 -18.07 -1.31 -14.23
C TYR B 329 -18.39 -0.93 -15.67
N ASN B 330 -19.38 -0.06 -15.85
CA ASN B 330 -19.79 0.43 -17.15
C ASN B 330 -19.77 1.94 -17.14
N VAL B 331 -18.96 2.54 -18.00
CA VAL B 331 -18.79 3.98 -18.08
C VAL B 331 -19.29 4.47 -19.43
N HIS B 332 -20.10 5.52 -19.42
CA HIS B 332 -20.66 6.07 -20.65
C HIS B 332 -20.41 7.57 -20.69
N THR B 333 -19.96 8.07 -21.84
CA THR B 333 -19.69 9.49 -22.04
C THR B 333 -20.33 9.98 -23.34
N GLN B 334 -20.39 9.11 -24.35
CA GLN B 334 -20.96 9.49 -25.64
C GLN B 334 -22.00 8.47 -26.12
N THR B 335 -21.84 7.22 -25.73
CA THR B 335 -22.83 6.18 -25.97
C THR B 335 -23.87 6.19 -24.86
N PRO B 336 -25.16 6.10 -25.18
CA PRO B 336 -26.17 5.97 -24.12
C PRO B 336 -26.01 4.64 -23.40
N LEU B 337 -26.18 4.68 -22.09
CA LEU B 337 -25.98 3.48 -21.26
C LEU B 337 -26.88 2.33 -21.70
N LEU B 338 -28.10 2.63 -22.14
CA LEU B 338 -29.00 1.59 -22.60
C LEU B 338 -28.40 0.81 -23.77
N ASP B 339 -27.83 1.53 -24.75
CA ASP B 339 -27.18 0.87 -25.88
C ASP B 339 -25.96 0.08 -25.42
N LEU B 340 -25.17 0.67 -24.52
CA LEU B 340 -23.97 0.01 -24.02
C LEU B 340 -24.32 -1.33 -23.39
N MET B 341 -25.33 -1.35 -22.53
CA MET B 341 -25.69 -2.58 -21.82
C MET B 341 -26.35 -3.60 -22.74
N SER B 342 -27.09 -3.15 -23.75
CA SER B 342 -27.66 -4.08 -24.71
C SER B 342 -26.55 -4.88 -25.38
N ASP B 343 -25.53 -4.19 -25.88
CA ASP B 343 -24.40 -4.89 -26.49
C ASP B 343 -23.69 -5.80 -25.48
N ALA B 344 -23.63 -5.38 -24.21
CA ALA B 344 -23.08 -6.26 -23.18
C ALA B 344 -23.88 -7.56 -23.09
N LEU B 345 -25.21 -7.47 -23.13
CA LEU B 345 -26.04 -8.66 -23.18
C LEU B 345 -25.71 -9.51 -24.41
N VAL B 346 -25.51 -8.85 -25.56
CA VAL B 346 -25.24 -9.59 -26.79
C VAL B 346 -23.88 -10.26 -26.72
N LEU B 347 -22.88 -9.56 -26.16
CA LEU B 347 -21.54 -10.13 -26.06
C LEU B 347 -21.52 -11.35 -25.16
N ALA B 348 -22.22 -11.27 -24.01
CA ALA B 348 -22.25 -12.40 -23.09
C ALA B 348 -22.95 -13.61 -23.72
N LYS B 349 -23.99 -13.36 -24.51
CA LYS B 349 -24.70 -14.46 -25.17
C LYS B 349 -23.79 -15.21 -26.14
N MET B 350 -23.13 -14.49 -27.05
CA MET B 350 -22.24 -15.15 -27.99
C MET B 350 -21.02 -15.78 -27.30
N LYS B 351 -20.75 -15.41 -26.05
CA LYS B 351 -19.71 -16.08 -25.27
C LYS B 351 -20.22 -17.32 -24.56
N GLY B 352 -21.50 -17.66 -24.70
CA GLY B 352 -22.05 -18.85 -24.09
C GLY B 352 -22.54 -18.70 -22.67
N PHE B 353 -22.70 -17.48 -22.17
CA PHE B 353 -23.27 -17.29 -20.85
C PHE B 353 -24.76 -17.60 -20.87
N ASP B 354 -25.25 -18.21 -19.78
CA ASP B 354 -26.66 -18.55 -19.64
C ASP B 354 -27.48 -17.39 -19.07
N VAL B 355 -26.88 -16.55 -18.23
CA VAL B 355 -27.59 -15.49 -17.55
C VAL B 355 -26.64 -14.33 -17.34
N PHE B 356 -27.19 -13.11 -17.38
CA PHE B 356 -26.44 -11.89 -17.12
C PHE B 356 -27.04 -11.24 -15.90
N ASN B 357 -26.23 -11.06 -14.86
CA ASN B 357 -26.68 -10.51 -13.59
C ASN B 357 -26.16 -9.09 -13.40
N ALA B 358 -26.94 -8.26 -12.73
CA ALA B 358 -26.51 -6.91 -12.42
C ALA B 358 -27.25 -6.42 -11.18
N LEU B 359 -26.59 -5.57 -10.42
CA LEU B 359 -27.18 -4.94 -9.24
C LEU B 359 -27.94 -3.68 -9.66
N ASP B 360 -28.77 -3.17 -8.75
CA ASP B 360 -29.50 -1.94 -9.00
C ASP B 360 -28.71 -0.70 -8.57
N LEU B 361 -27.39 -0.81 -8.44
CA LEU B 361 -26.58 0.30 -7.99
C LEU B 361 -26.14 1.17 -9.17
N MET B 362 -25.39 2.22 -8.87
CA MET B 362 -24.95 3.23 -9.86
C MET B 362 -26.18 3.63 -10.69
N GLU B 363 -26.11 3.61 -12.02
CA GLU B 363 -27.23 4.01 -12.87
C GLU B 363 -27.98 2.83 -13.46
N ASN B 364 -27.86 1.64 -12.87
CA ASN B 364 -28.39 0.44 -13.49
C ASN B 364 -29.91 0.45 -13.56
N LYS B 365 -30.57 1.12 -12.61
CA LYS B 365 -32.03 1.17 -12.62
C LYS B 365 -32.56 1.79 -13.91
N THR B 366 -31.76 2.64 -14.58
CA THR B 366 -32.23 3.27 -15.81
C THR B 366 -32.38 2.29 -16.96
N PHE B 367 -31.69 1.14 -16.93
CA PHE B 367 -31.79 0.19 -18.03
C PHE B 367 -32.35 -1.17 -17.64
N LEU B 368 -32.48 -1.47 -16.33
CA LEU B 368 -32.80 -2.84 -15.93
C LEU B 368 -34.14 -3.30 -16.50
N GLU B 369 -35.20 -2.52 -16.26
CA GLU B 369 -36.53 -2.92 -16.73
C GLU B 369 -36.60 -2.92 -18.25
N LYS B 370 -36.00 -1.91 -18.90
CA LYS B 370 -36.10 -1.79 -20.35
C LYS B 370 -35.40 -2.94 -21.07
N LEU B 371 -34.35 -3.51 -20.49
CA LEU B 371 -33.60 -4.60 -21.12
C LEU B 371 -34.06 -5.98 -20.66
N LYS B 372 -35.27 -6.09 -20.11
CA LYS B 372 -35.90 -7.37 -19.77
C LYS B 372 -35.21 -8.09 -18.61
N PHE B 373 -34.57 -7.36 -17.69
CA PHE B 373 -34.10 -7.95 -16.45
C PHE B 373 -35.26 -8.26 -15.51
N GLY B 374 -35.18 -9.39 -14.82
CA GLY B 374 -36.15 -9.75 -13.80
C GLY B 374 -35.54 -9.59 -12.42
N ILE B 375 -36.31 -8.99 -11.50
CA ILE B 375 -35.78 -8.73 -10.16
C ILE B 375 -35.46 -10.05 -9.47
N GLY B 376 -34.39 -10.05 -8.66
CA GLY B 376 -33.95 -11.25 -7.98
C GLY B 376 -34.56 -11.41 -6.59
N ASP B 377 -34.38 -12.59 -6.03
CA ASP B 377 -34.83 -12.86 -4.67
C ASP B 377 -33.78 -12.52 -3.61
N GLY B 378 -32.61 -12.07 -4.02
CA GLY B 378 -31.52 -11.82 -3.08
C GLY B 378 -31.09 -10.36 -3.09
N ASN B 379 -30.91 -9.82 -1.89
CA ASN B 379 -30.28 -8.51 -1.69
C ASN B 379 -28.79 -8.69 -1.43
N LEU B 380 -28.04 -7.64 -1.73
CA LEU B 380 -26.62 -7.58 -1.39
C LEU B 380 -26.38 -6.33 -0.57
N GLN B 381 -26.10 -6.53 0.72
CA GLN B 381 -25.80 -5.43 1.62
C GLN B 381 -24.33 -5.05 1.51
N TYR B 382 -24.05 -3.75 1.55
CA TYR B 382 -22.70 -3.22 1.61
C TYR B 382 -22.43 -2.71 3.01
N TYR B 383 -21.22 -2.95 3.52
CA TYR B 383 -20.85 -2.59 4.88
C TYR B 383 -19.50 -1.89 4.93
N LEU B 384 -19.37 -0.99 5.91
CA LEU B 384 -18.10 -0.39 6.29
C LEU B 384 -17.76 -0.83 7.71
N TYR B 385 -16.50 -1.20 7.92
CA TYR B 385 -15.98 -1.58 9.23
C TYR B 385 -15.22 -0.41 9.84
N ASN B 386 -15.61 -0.01 11.05
CA ASN B 386 -14.98 1.09 11.79
C ASN B 386 -15.11 2.42 11.06
N TRP B 387 -16.27 2.65 10.43
CA TRP B 387 -16.53 3.95 9.81
C TRP B 387 -18.02 4.26 9.90
N LYS B 388 -18.33 5.35 10.60
CA LYS B 388 -19.70 5.82 10.79
C LYS B 388 -20.04 6.84 9.72
N CYS B 389 -21.16 6.65 9.05
CA CYS B 389 -21.62 7.59 8.04
C CYS B 389 -23.07 7.28 7.71
N PRO B 390 -23.80 8.24 7.13
CA PRO B 390 -25.20 7.98 6.78
C PRO B 390 -25.31 6.91 5.70
N SER B 391 -26.38 6.13 5.78
CA SER B 391 -26.72 5.21 4.70
C SER B 391 -27.00 5.98 3.42
N MET B 392 -27.02 5.24 2.31
CA MET B 392 -27.23 5.84 0.99
C MET B 392 -28.09 4.89 0.16
N GLY B 393 -28.80 5.46 -0.80
CA GLY B 393 -29.54 4.65 -1.74
C GLY B 393 -28.61 3.88 -2.66
N ALA B 394 -29.15 2.82 -3.26
CA ALA B 394 -28.37 1.95 -4.13
C ALA B 394 -27.77 2.73 -5.29
N GLU B 395 -28.51 3.69 -5.84
CA GLU B 395 -28.02 4.46 -6.97
C GLU B 395 -26.78 5.26 -6.64
N LYS B 396 -26.44 5.42 -5.36
CA LYS B 396 -25.24 6.13 -4.93
C LYS B 396 -24.09 5.19 -4.60
N VAL B 397 -24.32 3.88 -4.63
CA VAL B 397 -23.24 2.91 -4.43
C VAL B 397 -22.53 2.72 -5.77
N GLY B 398 -21.23 2.98 -5.79
CA GLY B 398 -20.43 2.85 -6.99
C GLY B 398 -19.28 1.90 -6.79
N LEU B 399 -19.52 0.80 -6.08
CA LEU B 399 -18.50 -0.18 -5.75
C LEU B 399 -19.02 -1.57 -6.07
N VAL B 400 -18.26 -2.32 -6.86
CA VAL B 400 -18.63 -3.68 -7.25
C VAL B 400 -17.47 -4.61 -6.90
N LEU B 401 -17.74 -5.57 -6.03
CA LEU B 401 -16.76 -6.59 -5.65
C LEU B 401 -17.08 -7.90 -6.37
N GLN B 402 -16.26 -8.92 -6.13
CA GLN B 402 -16.47 -10.22 -6.77
C GLN B 402 -17.16 -11.20 -5.83
N ALA C 1 19.18 11.84 -1.50
CA ALA C 1 20.45 11.40 -0.91
C ALA C 1 20.70 11.99 0.48
N ASN C 2 21.26 11.16 1.37
CA ASN C 2 21.93 11.69 2.56
C ASN C 2 23.18 12.45 2.12
N CYS C 3 23.72 13.26 3.02
CA CYS C 3 24.88 14.08 2.67
C CYS C 3 25.99 13.86 3.69
N PHE C 4 27.23 13.94 3.20
CA PHE C 4 28.40 13.73 4.04
C PHE C 4 28.84 15.05 4.65
N SER C 5 28.80 15.14 5.97
CA SER C 5 29.28 16.31 6.69
C SER C 5 30.50 15.93 7.51
N LYS C 6 31.27 16.94 7.90
CA LYS C 6 32.36 16.74 8.84
C LYS C 6 32.54 18.03 9.62
N PRO C 7 33.21 17.98 10.78
CA PRO C 7 33.29 19.17 11.63
C PRO C 7 33.87 20.36 10.87
N ARG C 8 33.27 21.52 11.06
CA ARG C 8 33.80 22.69 10.41
C ARG C 8 34.87 23.32 11.29
N ALA D 1 -18.78 -11.82 1.65
CA ALA D 1 -19.12 -12.73 0.56
C ALA D 1 -20.06 -12.07 -0.45
N ASN D 2 -19.99 -12.55 -1.69
CA ASN D 2 -21.05 -12.25 -2.65
C ASN D 2 -22.32 -13.00 -2.27
N CYS D 3 -23.39 -12.73 -2.98
CA CYS D 3 -24.70 -13.31 -2.66
C CYS D 3 -25.25 -13.99 -3.90
N PHE D 4 -25.79 -15.20 -3.71
CA PHE D 4 -26.39 -15.93 -4.83
C PHE D 4 -27.87 -15.58 -4.90
N SER D 5 -28.23 -14.81 -5.91
CA SER D 5 -29.62 -14.49 -6.19
C SER D 5 -30.11 -15.25 -7.40
N LYS D 6 -31.43 -15.39 -7.49
CA LYS D 6 -32.09 -15.88 -8.69
C LYS D 6 -33.48 -15.26 -8.74
N PRO D 7 -34.12 -15.27 -9.91
CA PRO D 7 -35.34 -14.48 -10.08
C PRO D 7 -36.43 -14.81 -9.07
N ARG D 8 -37.23 -13.79 -8.73
CA ARG D 8 -38.31 -13.89 -7.74
C ARG D 8 -39.27 -15.04 -8.01
N1A COA E . 18.68 15.05 -5.80
C2A COA E . 17.74 15.56 -6.66
N3A COA E . 18.10 16.25 -7.77
C4A COA E . 19.41 16.46 -8.02
C5A COA E . 20.36 15.98 -7.17
C6A COA E . 19.97 15.25 -6.05
N6A COA E . 20.72 14.59 -4.92
N7A COA E . 21.56 16.32 -7.66
C8A COA E . 21.37 17.03 -8.80
N9A COA E . 20.04 17.11 -9.02
C1B COA E . 19.45 17.78 -10.12
C2B COA E . 20.11 18.91 -10.27
O2B COA E . 19.53 19.95 -9.43
C3B COA E . 19.96 19.23 -11.78
O3B COA E . 18.78 19.81 -12.01
P3B COA E . 18.80 21.48 -12.23
O7A COA E . 17.53 22.09 -11.68
O8A COA E . 18.92 21.77 -13.70
O9A COA E . 19.99 22.06 -11.50
C4B COA E . 20.06 17.81 -12.45
O4B COA E . 19.59 16.96 -11.57
C5B COA E . 21.54 17.51 -12.70
O5B COA E . 21.80 17.38 -14.08
P1A COA E . 23.22 16.60 -14.46
O1A COA E . 22.98 15.58 -15.54
O2A COA E . 24.25 17.58 -14.94
O3A COA E . 23.78 15.79 -13.08
P2A COA E . 24.31 14.17 -13.20
O4A COA E . 25.76 14.14 -13.65
O5A COA E . 23.45 13.39 -14.19
O6A COA E . 24.13 13.37 -11.74
CBP COA E . 24.14 12.99 -9.48
CCP COA E . 23.90 14.09 -10.53
CDP COA E . 23.88 13.57 -8.08
CEP COA E . 23.17 11.88 -9.74
CAP COA E . 25.57 12.49 -9.66
OAP COA E . 26.44 13.59 -9.70
C9P COA E . 26.00 11.60 -8.50
O9P COA E . 25.81 10.43 -8.54
N8P COA E . 26.69 12.23 -7.36
C7P COA E . 27.13 11.40 -6.19
C6P COA E . 25.84 10.86 -5.51
C5P COA E . 24.93 12.01 -5.07
O5P COA E . 23.75 11.93 -5.25
N4P COA E . 25.48 13.21 -4.42
C3P COA E . 24.58 14.30 -3.98
C2P COA E . 24.24 15.31 -5.17
S1P COA E . 23.16 16.62 -4.53
C1 GOL F . 27.71 -5.84 6.82
O1 GOL F . 28.70 -4.92 7.18
C2 GOL F . 26.42 -5.42 7.56
O2 GOL F . 25.99 -4.16 7.20
C3 GOL F . 25.39 -6.52 7.23
O3 GOL F . 25.27 -7.38 8.31
C1 GOL G . 8.13 21.47 -0.48
O1 GOL G . 9.45 21.29 -0.06
C2 GOL G . 7.43 22.41 0.53
O2 GOL G . 6.24 22.88 0.04
C3 GOL G . 8.44 23.56 0.83
O3 GOL G . 7.92 24.30 1.91
N1A COA H . -20.09 -11.99 7.39
C2A COA H . -19.89 -11.45 8.64
N3A COA H . -20.47 -12.01 9.72
C4A COA H . -21.26 -13.10 9.58
C5A COA H . -21.47 -13.64 8.35
C6A COA H . -20.87 -13.07 7.24
N6A COA H . -20.87 -13.38 5.76
N7A COA H . -22.28 -14.71 8.51
C8A COA H . -22.58 -14.83 9.83
N9A COA H . -21.94 -13.84 10.49
C1B COA H . -22.00 -13.63 11.88
C2B COA H . -23.15 -13.98 12.41
O2B COA H . -24.13 -12.91 12.31
C3B COA H . -22.75 -14.22 13.88
O3B COA H . -22.50 -13.04 14.46
P3B COA H . -23.64 -12.41 15.49
O7A COA H . -23.41 -10.93 15.61
O8A COA H . -23.51 -13.08 16.84
O9A COA H . -25.02 -12.67 14.93
C4B COA H . -21.40 -15.03 13.75
O4B COA H . -20.84 -14.56 12.66
C5B COA H . -21.78 -16.49 13.58
O5B COA H . -20.81 -17.35 14.15
P1A COA H . -20.94 -18.92 13.62
O1A COA H . -20.09 -19.89 14.42
O2A COA H . -22.39 -19.33 13.67
O3A COA H . -20.43 -18.93 12.02
P2A COA H . -20.38 -20.34 11.05
O4A COA H . -21.81 -20.82 10.76
O5A COA H . -19.54 -21.43 11.68
O6A COA H . -19.68 -19.82 9.64
CBP COA H . -19.99 -18.82 7.53
CCP COA H . -20.33 -18.70 9.03
CDP COA H . -20.68 -17.69 6.75
CEP COA H . -18.50 -18.70 7.41
CAP COA H . -20.45 -20.19 7.09
OAP COA H . -21.80 -20.37 7.37
C9P COA H . -20.22 -20.34 5.59
O9P COA H . -19.17 -20.71 5.18
N8P COA H . -21.34 -20.04 4.67
C7P COA H . -21.15 -20.17 3.20
C6P COA H . -20.21 -19.03 2.75
C5P COA H . -20.71 -17.66 3.20
O5P COA H . -19.91 -16.76 3.40
N4P COA H . -22.13 -17.37 3.40
C3P COA H . -22.36 -15.98 3.83
C2P COA H . -23.77 -15.74 4.50
S1P COA H . -24.24 -14.06 3.98
C1 GOL I . -29.50 6.17 -11.68
O1 GOL I . -30.56 5.54 -10.99
C2 GOL I . -29.02 7.43 -10.91
O2 GOL I . -27.78 7.26 -10.24
C3 GOL I . -28.98 8.58 -11.99
O3 GOL I . -29.34 8.05 -13.24
C1 GOL J . -13.44 -3.58 -6.58
O1 GOL J . -13.83 -2.70 -7.59
C2 GOL J . -13.02 -4.88 -7.30
O2 GOL J . -12.26 -4.63 -8.43
C3 GOL J . -12.23 -5.67 -6.24
O3 GOL J . -13.13 -6.15 -5.31
C1 GOL K . -23.46 2.44 7.77
O1 GOL K . -23.99 3.69 7.41
C2 GOL K . -21.92 2.63 7.91
O2 GOL K . -21.62 3.55 8.89
C3 GOL K . -21.36 1.23 8.25
O3 GOL K . -21.62 0.39 7.16
C1 MYR L . 18.70 11.35 -2.65
O1 MYR L . 19.23 10.45 -3.37
C2 MYR L . 17.37 11.99 -3.03
C3 MYR L . 17.19 12.14 -4.54
C4 MYR L . 15.84 12.81 -4.86
C5 MYR L . 15.65 12.98 -6.36
C6 MYR L . 14.40 13.82 -6.66
C7 MYR L . 13.13 13.00 -6.37
C8 MYR L . 11.87 13.82 -6.65
C9 MYR L . 10.60 13.02 -6.35
C10 MYR L . 10.35 11.96 -7.42
C11 MYR L . 9.18 11.05 -7.03
C12 MYR L . 7.83 11.75 -7.20
C13 MYR L . 6.69 10.76 -6.91
C14 MYR L . 5.31 11.41 -7.11
C1 MYR M . -17.77 -12.00 2.50
O1 MYR M . -17.00 -13.00 2.40
C2 MYR M . -17.58 -10.91 3.56
C3 MYR M . -17.34 -11.43 4.98
C4 MYR M . -17.03 -10.22 5.87
C5 MYR M . -16.74 -10.63 7.32
C6 MYR M . -16.55 -9.39 8.21
C7 MYR M . -15.31 -8.55 7.83
C8 MYR M . -15.14 -7.39 8.82
C9 MYR M . -13.92 -6.53 8.53
C10 MYR M . -12.62 -7.22 8.95
C11 MYR M . -11.38 -6.41 8.56
C12 MYR M . -11.27 -5.10 9.36
C13 MYR M . -9.92 -4.45 9.02
C14 MYR M . -9.71 -3.14 9.77
#